data_4M0M
#
_entry.id   4M0M
#
_cell.length_a   68.528
_cell.length_b   69.234
_cell.length_c   177.254
_cell.angle_alpha   90.00
_cell.angle_beta   90.00
_cell.angle_gamma   90.00
#
_symmetry.space_group_name_H-M   'P 21 21 21'
#
loop_
_entity.id
_entity.type
_entity.pdbx_description
1 polymer 'Putative uncharacterized protein'
2 non-polymer 'TETRAETHYLENE GLYCOL'
3 non-polymer 'PHOSPHATE ION'
4 water water
#
_entity_poly.entity_id   1
_entity_poly.type   'polypeptide(L)'
_entity_poly.pdbx_seq_one_letter_code
;SNA(MSE)STSEKDVREQKVKTVTLSFLGTGQHREKVHHILTSFHNTISEVNKDNPTVA(MSE)R(MSE)FDGPGSEPKS
GDSKDPIPGTYIYNPKDNSKILISPVISQTITNAIQKLTGNLAGEGIEHLLFEAVLYLNDIIEKNGGKLPETVNLHGFSR
GADTC(MSE)R(MSE)ANLLYQLYPDIKVNLFLIDQVPGPGKRDDPHSYTVPPNVEHFESTL(MSE)LHEYRPGFDPQHS
GRYVIADPEKTKVVVKPYYGEHNTGNRVTEDPNTNHTAILLNDD(MSE)NRFCRETGSLPSVGISPPIIARVGDKKEEVR
THSELSPEKRFELLCG(MSE)KENEWGYAKLTKKYHERSILSKREDYVQDSRLFVNQEHRELFKQLYPKSFNWFFEKNHG
GQTKKEEVIVELKSLSEDPRYEHFFSSLAKHFQINENNIAGTLPEPSGIDRDEKSSFGQPPVRDRLSYLQHSLTSIANYY
HYHCDEKSSTNESVKNLLLERVKESRTKPDSEAIKHLEQT(MSE)DEVRQILESKNEKGFLWQQINHISPNARQYCEQVK
AALREHLEHNQVLSDTQKEEIRKA(MSE)DR(MSE)DNIVNDSSKDSQQKYREIRREVIELNAKATTPEDDNQLTRSHFQ
KAYFELSGDTQKTLNLESLSQTLNQLSKAHYGETS(MSE)TDKITQRLDGYKNRNWFWNSVKEVLNFFNIPLPKLHSEVK
EQIADKLKERLVDLKEKG(MSE)GNDVNAITRELGKAREDLIEHYKKTSKLE(MSE)GELDKIINKS(MSE)EELLVARK
VTKDLVHEEVSQVKLN
;
_entity_poly.pdbx_strand_id   A
#
loop_
_chem_comp.id
_chem_comp.type
_chem_comp.name
_chem_comp.formula
PG4 non-polymer 'TETRAETHYLENE GLYCOL' 'C8 H18 O5'
PO4 non-polymer 'PHOSPHATE ION' 'O4 P -3'
#
# COMPACT_ATOMS: atom_id res chain seq x y z
N GLU A 13 9.36 29.33 8.95
CA GLU A 13 10.62 29.27 9.67
C GLU A 13 10.93 27.85 10.21
N GLN A 14 9.89 27.05 10.44
CA GLN A 14 10.05 25.67 10.95
C GLN A 14 10.45 24.65 9.86
N LYS A 15 10.95 23.49 10.30
CA LYS A 15 11.50 22.49 9.38
C LYS A 15 11.08 21.05 9.76
N VAL A 16 9.78 20.83 9.95
CA VAL A 16 9.28 19.51 10.26
C VAL A 16 9.17 18.64 9.01
N LYS A 17 9.89 17.51 9.01
CA LYS A 17 9.95 16.61 7.87
C LYS A 17 9.08 15.38 8.09
N THR A 18 8.97 14.99 9.35
CA THR A 18 8.34 13.72 9.71
C THR A 18 7.37 13.87 10.86
N VAL A 19 6.14 13.41 10.66
CA VAL A 19 5.11 13.50 11.69
C VAL A 19 4.60 12.10 12.07
N THR A 20 4.61 11.80 13.36
CA THR A 20 4.26 10.47 13.85
C THR A 20 3.09 10.51 14.82
N LEU A 21 2.02 9.80 14.45
CA LEU A 21 0.78 9.83 15.24
C LEU A 21 0.48 8.46 15.77
N SER A 22 0.21 8.36 17.07
CA SER A 22 -0.13 7.09 17.74
C SER A 22 -1.54 7.13 18.28
N PHE A 23 -2.29 6.07 18.01
CA PHE A 23 -3.68 5.99 18.43
C PHE A 23 -3.88 4.77 19.32
N LEU A 24 -4.32 4.98 20.55
CA LEU A 24 -4.53 3.87 21.46
C LEU A 24 -5.81 3.13 21.08
N GLY A 25 -5.99 1.96 21.71
CA GLY A 25 -7.11 1.08 21.43
C GLY A 25 -8.35 1.41 22.21
N THR A 26 -9.45 0.73 21.87
CA THR A 26 -10.73 0.98 22.50
C THR A 26 -10.63 1.02 24.01
N GLY A 27 -11.17 2.07 24.63
CA GLY A 27 -11.24 2.17 26.09
C GLY A 27 -9.88 2.41 26.77
N GLN A 28 -8.84 2.62 25.96
CA GLN A 28 -7.50 2.82 26.49
C GLN A 28 -7.12 4.29 26.56
N HIS A 29 -6.79 4.75 27.77
CA HIS A 29 -6.37 6.14 27.94
C HIS A 29 -4.93 6.22 28.43
N ARG A 30 -4.21 7.24 27.95
CA ARG A 30 -2.78 7.42 28.25
C ARG A 30 -2.46 7.54 29.75
N GLU A 31 -3.47 7.82 30.58
CA GLU A 31 -3.24 7.95 32.01
C GLU A 31 -3.36 6.60 32.72
N LYS A 32 -3.92 5.61 32.03
CA LYS A 32 -4.23 4.33 32.68
C LYS A 32 -3.51 3.14 32.05
N VAL A 33 -3.11 3.28 30.79
CA VAL A 33 -2.57 2.15 30.05
C VAL A 33 -1.11 2.41 29.68
N HIS A 34 -0.28 1.38 29.71
CA HIS A 34 1.10 1.46 29.24
C HIS A 34 1.48 0.16 28.51
N HIS A 35 1.84 0.27 27.24
CA HIS A 35 2.24 -0.89 26.47
C HIS A 35 3.09 -0.48 25.28
N ILE A 36 3.23 -1.36 24.29
CA ILE A 36 4.10 -1.08 23.15
C ILE A 36 3.91 0.33 22.53
N LEU A 37 2.66 0.77 22.35
CA LEU A 37 2.46 2.09 21.70
C LEU A 37 2.88 3.28 22.54
N THR A 38 2.56 3.26 23.82
CA THR A 38 2.99 4.37 24.65
C THR A 38 4.49 4.33 24.84
N SER A 39 5.04 3.12 24.89
CA SER A 39 6.48 2.97 25.04
C SER A 39 7.24 3.57 23.88
N PHE A 40 6.80 3.26 22.66
CA PHE A 40 7.42 3.83 21.47
C PHE A 40 7.21 5.34 21.38
N HIS A 41 6.01 5.81 21.65
CA HIS A 41 5.74 7.24 21.58
C HIS A 41 6.66 7.98 22.55
N ASN A 42 6.73 7.50 23.78
CA ASN A 42 7.61 8.11 24.78
C ASN A 42 9.09 8.12 24.41
N THR A 43 9.56 7.02 23.82
CA THR A 43 10.96 6.91 23.40
C THR A 43 11.22 7.82 22.20
N ILE A 44 10.31 7.76 21.22
CA ILE A 44 10.42 8.60 20.04
C ILE A 44 10.54 10.06 20.46
N SER A 45 9.77 10.44 21.47
CA SER A 45 9.73 11.81 21.93
C SER A 45 11.03 12.22 22.61
N GLU A 46 11.56 11.33 23.45
CA GLU A 46 12.81 11.60 24.14
C GLU A 46 14.01 11.64 23.19
N VAL A 47 14.03 10.71 22.23
CA VAL A 47 15.16 10.59 21.29
C VAL A 47 15.27 11.83 20.38
N ASN A 48 14.11 12.37 20.01
CA ASN A 48 14.01 13.53 19.14
C ASN A 48 13.75 14.84 19.89
N LYS A 49 14.06 14.88 21.18
CA LYS A 49 13.74 16.06 21.98
C LYS A 49 14.53 17.30 21.53
N ASP A 50 15.67 17.05 20.89
CA ASP A 50 16.48 18.13 20.34
C ASP A 50 16.50 18.07 18.82
N ASN A 51 15.45 17.48 18.24
CA ASN A 51 15.37 17.34 16.80
C ASN A 51 14.07 17.93 16.29
N PRO A 52 14.12 19.17 15.81
CA PRO A 52 12.92 19.87 15.37
C PRO A 52 12.35 19.38 14.03
N THR A 53 13.01 18.43 13.36
CA THR A 53 12.50 17.93 12.08
C THR A 53 11.49 16.80 12.26
N VAL A 54 11.30 16.37 13.50
CA VAL A 54 10.37 15.27 13.80
C VAL A 54 9.34 15.73 14.81
N ALA A 55 8.06 15.51 14.51
CA ALA A 55 6.98 15.90 15.41
C ALA A 55 6.13 14.68 15.71
N MSE A 56 5.65 14.56 16.94
CA MSE A 56 4.88 13.39 17.30
C MSE A 56 3.72 13.69 18.23
O MSE A 56 3.78 14.60 19.05
CB MSE A 56 5.78 12.30 17.91
CG MSE A 56 6.20 12.54 19.33
SE MSE A 56 7.44 14.01 19.58
CE MSE A 56 8.80 13.51 18.29
N ARG A 57 2.65 12.91 18.11
CA ARG A 57 1.45 13.16 18.88
C ARG A 57 0.74 11.88 19.24
N MSE A 58 0.23 11.83 20.47
CA MSE A 58 -0.47 10.69 21.03
C MSE A 58 -1.98 10.97 21.10
O MSE A 58 -2.39 12.06 21.51
CB MSE A 58 0.08 10.40 22.43
CG MSE A 58 -0.83 9.55 23.31
SE MSE A 58 -0.79 7.69 22.78
CE MSE A 58 0.94 7.27 23.54
N PHE A 59 -2.78 10.00 20.69
CA PHE A 59 -4.23 10.11 20.78
C PHE A 59 -4.77 9.01 21.68
N ASP A 60 -5.72 9.38 22.52
CA ASP A 60 -6.37 8.44 23.41
C ASP A 60 -7.38 7.64 22.61
N GLY A 61 -7.75 6.47 23.12
CA GLY A 61 -8.61 5.56 22.39
C GLY A 61 -10.06 5.98 22.42
N PRO A 62 -10.83 5.57 21.39
CA PRO A 62 -12.28 5.80 21.39
C PRO A 62 -12.92 5.12 22.59
N GLY A 63 -13.65 5.90 23.38
CA GLY A 63 -14.38 5.35 24.52
C GLY A 63 -13.55 5.31 25.78
N SER A 64 -12.36 5.93 25.73
CA SER A 64 -11.51 6.01 26.92
C SER A 64 -11.85 7.26 27.72
N GLU A 65 -11.38 7.31 28.95
CA GLU A 65 -11.57 8.48 29.78
C GLU A 65 -10.40 8.65 30.73
N PRO A 66 -10.09 9.91 31.09
CA PRO A 66 -8.99 10.14 32.04
C PRO A 66 -9.33 9.67 33.44
N LYS A 67 -8.36 9.75 34.35
CA LYS A 67 -8.59 9.38 35.75
C LYS A 67 -9.47 10.40 36.48
N SER A 68 -9.49 11.63 35.97
CA SER A 68 -10.30 12.70 36.56
C SER A 68 -10.76 13.69 35.49
N GLY A 69 -11.90 14.35 35.75
CA GLY A 69 -12.45 15.33 34.84
C GLY A 69 -11.62 16.59 34.74
N ASP A 70 -10.60 16.69 35.59
CA ASP A 70 -9.69 17.82 35.62
C ASP A 70 -8.57 17.69 34.56
N SER A 71 -8.47 16.51 33.95
CA SER A 71 -7.38 16.22 33.03
C SER A 71 -7.34 17.08 31.76
N LYS A 72 -6.14 17.27 31.24
CA LYS A 72 -5.94 18.01 29.99
C LYS A 72 -6.25 17.15 28.78
N ASP A 73 -6.48 15.86 28.99
CA ASP A 73 -6.80 14.94 27.90
C ASP A 73 -8.16 14.26 28.06
N PRO A 74 -9.24 14.99 27.79
CA PRO A 74 -10.62 14.52 28.02
C PRO A 74 -11.03 13.42 27.04
N ILE A 75 -12.18 12.79 27.28
CA ILE A 75 -12.73 11.77 26.40
C ILE A 75 -12.78 12.21 24.94
N PRO A 76 -12.27 11.38 24.02
CA PRO A 76 -12.42 11.69 22.59
C PRO A 76 -13.89 11.97 22.20
N GLY A 77 -14.12 13.07 21.50
CA GLY A 77 -15.47 13.48 21.13
C GLY A 77 -16.10 14.51 22.04
N THR A 78 -15.43 14.81 23.15
CA THR A 78 -15.99 15.78 24.10
C THR A 78 -15.14 17.05 24.14
N TYR A 79 -14.20 17.16 23.21
CA TYR A 79 -13.35 18.35 23.13
C TYR A 79 -13.02 18.77 21.71
N ILE A 80 -12.60 20.02 21.56
CA ILE A 80 -12.03 20.49 20.28
C ILE A 80 -10.57 20.92 20.50
N TYR A 81 -9.69 20.63 19.53
CA TYR A 81 -8.28 20.91 19.69
C TYR A 81 -7.91 22.28 19.16
N ASN A 82 -7.26 23.08 20.01
CA ASN A 82 -6.71 24.36 19.58
C ASN A 82 -5.20 24.29 19.36
N PRO A 83 -4.77 24.24 18.10
CA PRO A 83 -3.34 24.11 17.78
C PRO A 83 -2.51 25.31 18.23
N LYS A 84 -3.15 26.47 18.41
CA LYS A 84 -2.44 27.70 18.76
C LYS A 84 -1.77 27.62 20.13
N ASP A 85 -2.45 27.06 21.11
CA ASP A 85 -1.80 26.85 22.41
C ASP A 85 -1.80 25.39 22.81
N ASN A 86 -2.00 24.50 21.83
CA ASN A 86 -1.96 23.05 22.05
C ASN A 86 -2.86 22.63 23.20
N SER A 87 -4.11 23.12 23.17
CA SER A 87 -5.06 22.83 24.24
C SER A 87 -6.30 22.14 23.71
N LYS A 88 -6.93 21.38 24.59
CA LYS A 88 -8.19 20.73 24.31
C LYS A 88 -9.32 21.45 25.06
N ILE A 89 -10.31 21.90 24.32
CA ILE A 89 -11.42 22.69 24.89
C ILE A 89 -12.68 21.85 24.94
N LEU A 90 -13.29 21.77 26.12
CA LEU A 90 -14.50 20.98 26.28
C LEU A 90 -15.64 21.55 25.44
N ILE A 91 -16.41 20.66 24.82
CA ILE A 91 -17.54 21.12 24.02
C ILE A 91 -18.84 20.44 24.41
N SER A 92 -19.93 21.13 24.12
CA SER A 92 -21.26 20.60 24.38
C SER A 92 -21.53 19.49 23.39
N PRO A 93 -22.50 18.62 23.69
CA PRO A 93 -22.82 17.52 22.77
C PRO A 93 -23.34 18.01 21.41
N VAL A 94 -24.13 19.08 21.40
CA VAL A 94 -24.65 19.59 20.13
C VAL A 94 -23.52 20.03 19.19
N ILE A 95 -22.49 20.66 19.75
CA ILE A 95 -21.30 20.99 18.96
C ILE A 95 -20.59 19.71 18.54
N SER A 96 -20.53 18.76 19.44
CA SER A 96 -19.87 17.49 19.15
C SER A 96 -20.52 16.76 17.97
N GLN A 97 -21.85 16.76 17.93
CA GLN A 97 -22.59 16.11 16.85
C GLN A 97 -22.40 16.86 15.55
N THR A 98 -22.17 18.16 15.66
CA THR A 98 -21.96 19.01 14.49
C THR A 98 -20.62 18.69 13.83
N ILE A 99 -19.58 18.59 14.64
CA ILE A 99 -18.25 18.24 14.16
C ILE A 99 -18.24 16.85 13.52
N THR A 100 -18.96 15.94 14.14
CA THR A 100 -19.10 14.59 13.63
C THR A 100 -19.70 14.63 12.24
N ASN A 101 -20.80 15.35 12.07
CA ASN A 101 -21.48 15.42 10.79
C ASN A 101 -20.55 15.96 9.70
N ALA A 102 -19.78 16.98 10.03
CA ALA A 102 -18.94 17.65 9.05
C ALA A 102 -17.86 16.71 8.55
N ILE A 103 -17.27 15.94 9.45
CA ILE A 103 -16.26 14.98 9.05
C ILE A 103 -16.87 13.88 8.16
N GLN A 104 -18.08 13.45 8.49
CA GLN A 104 -18.78 12.45 7.68
C GLN A 104 -19.04 12.92 6.25
N LYS A 105 -19.38 14.20 6.09
CA LYS A 105 -19.58 14.74 4.76
C LYS A 105 -18.25 14.67 4.00
N LEU A 106 -17.16 15.00 4.68
CA LEU A 106 -15.83 14.93 4.08
C LEU A 106 -15.44 13.50 3.67
N THR A 107 -15.45 12.58 4.63
CA THR A 107 -14.96 11.22 4.41
C THR A 107 -15.95 10.37 3.62
N GLY A 108 -17.25 10.67 3.77
CA GLY A 108 -18.29 9.90 3.10
C GLY A 108 -18.78 8.70 3.92
N ASN A 109 -18.21 8.50 5.10
CA ASN A 109 -18.65 7.38 5.93
C ASN A 109 -18.63 7.70 7.42
N LEU A 110 -19.54 7.08 8.17
CA LEU A 110 -19.64 7.32 9.62
C LEU A 110 -19.00 6.21 10.45
N ALA A 111 -17.99 6.60 11.23
CA ALA A 111 -17.22 5.68 12.06
C ALA A 111 -17.82 5.65 13.46
N GLY A 112 -18.04 6.83 14.02
CA GLY A 112 -18.67 6.95 15.33
C GLY A 112 -17.67 6.77 16.46
N GLU A 113 -18.17 6.72 17.69
CA GLU A 113 -17.34 6.49 18.87
C GLU A 113 -16.34 7.61 19.16
N GLY A 114 -16.47 8.73 18.46
CA GLY A 114 -15.57 9.85 18.66
C GLY A 114 -14.39 9.81 17.70
N ILE A 115 -14.41 8.83 16.81
CA ILE A 115 -13.33 8.69 15.84
C ILE A 115 -13.24 9.93 14.94
N GLU A 116 -14.38 10.44 14.50
CA GLU A 116 -14.39 11.65 13.68
C GLU A 116 -13.65 12.80 14.35
N HIS A 117 -13.74 12.88 15.68
CA HIS A 117 -13.07 13.97 16.38
C HIS A 117 -11.58 13.75 16.44
N LEU A 118 -11.16 12.49 16.40
CA LEU A 118 -9.75 12.18 16.38
C LEU A 118 -9.18 12.60 15.04
N LEU A 119 -9.93 12.33 13.95
CA LEU A 119 -9.51 12.75 12.61
C LEU A 119 -9.45 14.27 12.50
N PHE A 120 -10.44 14.95 13.09
CA PHE A 120 -10.49 16.42 13.11
C PHE A 120 -9.27 16.97 13.82
N GLU A 121 -9.03 16.50 15.04
CA GLU A 121 -7.84 16.91 15.78
C GLU A 121 -6.56 16.71 14.97
N ALA A 122 -6.39 15.53 14.37
CA ALA A 122 -5.17 15.23 13.61
C ALA A 122 -5.01 16.15 12.40
N VAL A 123 -6.13 16.52 11.78
CA VAL A 123 -6.05 17.36 10.60
C VAL A 123 -5.68 18.78 11.01
N LEU A 124 -6.21 19.22 12.14
CA LEU A 124 -5.91 20.54 12.66
C LEU A 124 -4.43 20.61 13.02
N TYR A 125 -3.93 19.55 13.62
CA TYR A 125 -2.53 19.45 14.02
C TYR A 125 -1.59 19.54 12.81
N LEU A 126 -1.87 18.73 11.80
CA LEU A 126 -1.07 18.69 10.60
C LEU A 126 -1.10 20.02 9.86
N ASN A 127 -2.29 20.59 9.72
CA ASN A 127 -2.41 21.88 9.07
C ASN A 127 -1.57 22.90 9.80
N ASP A 128 -1.62 22.85 11.12
CA ASP A 128 -0.82 23.79 11.90
C ASP A 128 0.67 23.60 11.59
N ILE A 129 1.11 22.34 11.53
CA ILE A 129 2.51 22.03 11.20
C ILE A 129 2.93 22.62 9.86
N ILE A 130 2.11 22.36 8.84
CA ILE A 130 2.35 22.86 7.50
C ILE A 130 2.47 24.39 7.46
N GLU A 131 1.59 25.07 8.19
CA GLU A 131 1.66 26.52 8.23
C GLU A 131 2.90 27.00 8.98
N LYS A 132 3.31 26.31 10.03
CA LYS A 132 4.55 26.65 10.72
C LYS A 132 5.79 26.39 9.84
N ASN A 133 5.68 25.44 8.93
CA ASN A 133 6.70 25.21 7.92
C ASN A 133 6.66 26.28 6.81
N GLY A 134 5.84 27.31 6.99
CA GLY A 134 5.71 28.35 5.96
C GLY A 134 4.97 27.84 4.73
N GLY A 135 4.04 26.91 4.94
CA GLY A 135 3.25 26.37 3.86
C GLY A 135 3.90 25.24 3.08
N LYS A 136 4.83 24.52 3.71
CA LYS A 136 5.48 23.39 3.05
C LYS A 136 5.07 22.09 3.74
N LEU A 137 4.80 21.05 2.94
CA LEU A 137 4.36 19.76 3.46
C LEU A 137 5.48 19.02 4.18
N PRO A 138 5.15 18.22 5.22
CA PRO A 138 6.16 17.28 5.72
C PRO A 138 6.40 16.23 4.65
N GLU A 139 7.48 15.47 4.76
CA GLU A 139 7.71 14.42 3.80
C GLU A 139 6.75 13.30 4.12
N THR A 140 6.63 13.02 5.41
CA THR A 140 6.08 11.76 5.85
C THR A 140 5.16 11.93 7.05
N VAL A 141 4.05 11.20 7.02
CA VAL A 141 3.23 10.99 8.21
C VAL A 141 3.15 9.50 8.52
N ASN A 142 3.54 9.16 9.75
CA ASN A 142 3.53 7.78 10.22
C ASN A 142 2.35 7.58 11.17
N LEU A 143 1.62 6.48 10.99
CA LEU A 143 0.42 6.20 11.77
C LEU A 143 0.60 4.88 12.49
N HIS A 144 0.63 4.94 13.83
CA HIS A 144 0.75 3.73 14.66
C HIS A 144 -0.56 3.51 15.43
N GLY A 145 -1.14 2.31 15.34
CA GLY A 145 -2.43 2.07 15.99
C GLY A 145 -2.65 0.67 16.50
N PHE A 146 -3.47 0.55 17.55
CA PHE A 146 -3.94 -0.74 18.07
C PHE A 146 -5.46 -0.75 18.11
N SER A 147 -6.05 -1.85 17.66
CA SER A 147 -7.50 -2.04 17.78
C SER A 147 -8.28 -0.95 17.02
N ARG A 148 -9.23 -0.31 17.69
CA ARG A 148 -9.99 0.77 17.05
C ARG A 148 -9.06 1.93 16.71
N GLY A 149 -7.98 2.07 17.48
CA GLY A 149 -6.93 3.03 17.16
C GLY A 149 -6.32 2.77 15.79
N ALA A 150 -6.14 1.51 15.42
CA ALA A 150 -5.59 1.15 14.11
C ALA A 150 -6.60 1.36 12.97
N ASP A 151 -7.87 1.18 13.27
CA ASP A 151 -8.95 1.52 12.35
C ASP A 151 -8.92 3.02 12.06
N THR A 152 -8.71 3.83 13.10
CA THR A 152 -8.61 5.26 12.95
C THR A 152 -7.41 5.60 12.05
N CYS A 153 -6.32 4.84 12.21
CA CYS A 153 -5.14 5.00 11.36
C CYS A 153 -5.49 4.85 9.88
N MSE A 154 -6.16 3.75 9.53
CA MSE A 154 -6.56 3.51 8.15
C MSE A 154 -7.44 4.66 7.63
O MSE A 154 -7.21 5.17 6.55
CB MSE A 154 -7.35 2.20 8.02
CG MSE A 154 -6.51 0.95 8.13
SE MSE A 154 -5.38 0.68 6.54
CE MSE A 154 -6.73 0.03 5.29
N ARG A 155 -8.45 5.03 8.42
CA ARG A 155 -9.32 6.14 8.05
C ARG A 155 -8.50 7.42 7.87
N MSE A 156 -7.47 7.59 8.69
CA MSE A 156 -6.60 8.75 8.57
C MSE A 156 -5.74 8.68 7.32
O MSE A 156 -5.49 9.69 6.67
CB MSE A 156 -5.68 8.91 9.77
CG MSE A 156 -4.85 10.19 9.73
SE MSE A 156 -5.96 11.83 9.88
CE MSE A 156 -4.51 13.11 9.65
N ALA A 157 -5.26 7.47 6.97
CA ALA A 157 -4.48 7.32 5.76
C ALA A 157 -5.33 7.74 4.57
N ASN A 158 -6.60 7.33 4.58
CA ASN A 158 -7.48 7.65 3.46
C ASN A 158 -7.86 9.13 3.36
N LEU A 159 -7.97 9.78 4.52
CA LEU A 159 -8.27 11.21 4.54
C LEU A 159 -7.06 12.00 4.04
N LEU A 160 -5.86 11.53 4.39
CA LEU A 160 -4.61 12.15 3.94
C LEU A 160 -4.48 12.10 2.43
N TYR A 161 -4.92 11.00 1.85
CA TYR A 161 -4.80 10.83 0.42
C TYR A 161 -5.79 11.75 -0.26
N GLN A 162 -6.90 11.97 0.42
CA GLN A 162 -7.97 12.85 -0.03
C GLN A 162 -7.59 14.33 0.08
N LEU A 163 -6.93 14.72 1.16
CA LEU A 163 -6.66 16.13 1.38
C LEU A 163 -5.22 16.55 0.97
N TYR A 164 -4.27 15.64 1.14
CA TYR A 164 -2.87 15.96 0.91
C TYR A 164 -2.15 14.80 0.24
N PRO A 165 -2.50 14.49 -1.02
CA PRO A 165 -1.96 13.26 -1.62
C PRO A 165 -0.43 13.18 -1.70
N ASP A 166 0.26 14.31 -1.68
CA ASP A 166 1.71 14.31 -1.81
C ASP A 166 2.46 13.90 -0.53
N ILE A 167 1.75 13.79 0.58
CA ILE A 167 2.42 13.30 1.79
C ILE A 167 2.58 11.77 1.76
N LYS A 168 3.77 11.28 2.08
CA LYS A 168 3.97 9.84 2.16
C LYS A 168 3.46 9.33 3.50
N VAL A 169 2.67 8.26 3.46
CA VAL A 169 2.10 7.71 4.68
C VAL A 169 2.64 6.31 4.94
N ASN A 170 2.98 6.02 6.19
CA ASN A 170 3.33 4.68 6.63
C ASN A 170 2.41 4.25 7.77
N LEU A 171 2.07 2.97 7.77
CA LEU A 171 1.11 2.43 8.74
C LEU A 171 1.64 1.20 9.44
N PHE A 172 1.62 1.23 10.77
CA PHE A 172 1.97 0.08 11.56
C PHE A 172 0.75 -0.22 12.43
N LEU A 173 0.02 -1.29 12.09
CA LEU A 173 -1.26 -1.58 12.77
C LEU A 173 -1.20 -2.85 13.64
N ILE A 174 -1.73 -2.77 14.85
CA ILE A 174 -1.84 -3.96 15.68
C ILE A 174 -3.30 -4.37 15.87
N ASP A 175 -3.61 -5.60 15.47
CA ASP A 175 -4.96 -6.16 15.51
C ASP A 175 -6.05 -5.13 15.18
N GLN A 176 -6.11 -4.70 13.92
CA GLN A 176 -7.10 -3.73 13.50
C GLN A 176 -8.52 -4.30 13.57
N VAL A 177 -9.33 -3.74 14.46
CA VAL A 177 -10.71 -4.15 14.63
C VAL A 177 -11.65 -2.95 14.48
N PRO A 178 -12.41 -2.88 13.38
CA PRO A 178 -13.36 -1.77 13.18
C PRO A 178 -14.58 -1.89 14.09
N GLY A 179 -15.28 -0.77 14.29
CA GLY A 179 -16.53 -0.77 15.02
C GLY A 179 -17.56 -1.74 14.45
N PRO A 180 -18.61 -2.05 15.24
CA PRO A 180 -19.67 -2.97 14.82
C PRO A 180 -20.37 -2.48 13.56
N GLY A 181 -20.35 -3.30 12.50
CA GLY A 181 -20.86 -2.87 11.21
C GLY A 181 -20.05 -1.77 10.54
N LYS A 182 -18.79 -1.59 10.96
CA LYS A 182 -17.95 -0.55 10.37
C LYS A 182 -16.86 -1.11 9.46
N ARG A 183 -16.89 -2.43 9.27
CA ARG A 183 -15.85 -3.17 8.56
C ARG A 183 -15.92 -2.99 7.05
N ASP A 184 -17.12 -2.69 6.57
CA ASP A 184 -17.33 -2.47 5.15
C ASP A 184 -17.20 -1.01 4.71
N ASP A 185 -16.69 -0.14 5.59
CA ASP A 185 -16.36 1.23 5.19
C ASP A 185 -15.09 1.22 4.33
N PRO A 186 -15.16 1.80 3.12
CA PRO A 186 -13.98 1.82 2.25
C PRO A 186 -12.76 2.36 2.97
N HIS A 187 -12.93 3.40 3.79
CA HIS A 187 -11.77 3.95 4.49
C HIS A 187 -11.25 3.06 5.62
N SER A 188 -11.94 1.96 5.88
CA SER A 188 -11.50 1.02 6.91
C SER A 188 -10.59 -0.07 6.32
N TYR A 189 -10.79 -0.38 5.04
CA TYR A 189 -10.03 -1.48 4.41
C TYR A 189 -9.10 -1.08 3.24
N THR A 190 -9.19 0.16 2.78
CA THR A 190 -8.44 0.58 1.60
C THR A 190 -7.06 1.13 1.98
N VAL A 191 -6.02 0.61 1.35
CA VAL A 191 -4.66 1.11 1.52
C VAL A 191 -4.36 1.99 0.29
N PRO A 192 -4.41 3.32 0.47
CA PRO A 192 -4.34 4.20 -0.70
C PRO A 192 -2.92 4.33 -1.25
N PRO A 193 -2.75 4.92 -2.46
CA PRO A 193 -1.43 4.95 -3.10
C PRO A 193 -0.43 5.92 -2.48
N ASN A 194 -0.84 6.68 -1.47
CA ASN A 194 0.13 7.52 -0.76
C ASN A 194 0.96 6.68 0.23
N VAL A 195 0.55 5.42 0.45
CA VAL A 195 1.19 4.55 1.43
C VAL A 195 2.47 3.87 0.91
N GLU A 196 3.59 4.08 1.61
CA GLU A 196 4.86 3.41 1.25
C GLU A 196 5.00 2.08 1.94
N HIS A 197 4.98 2.09 3.28
CA HIS A 197 5.07 0.88 4.07
C HIS A 197 3.76 0.59 4.81
N PHE A 198 3.14 -0.53 4.47
CA PHE A 198 1.94 -0.96 5.15
C PHE A 198 2.19 -2.23 5.97
N GLU A 199 2.16 -2.12 7.29
CA GLU A 199 2.32 -3.28 8.15
C GLU A 199 1.11 -3.49 9.08
N SER A 200 0.55 -4.70 9.07
CA SER A 200 -0.64 -5.01 9.86
C SER A 200 -0.50 -6.38 10.52
N THR A 201 -0.56 -6.40 11.84
CA THR A 201 -0.37 -7.66 12.56
C THR A 201 -1.66 -8.17 13.13
N LEU A 202 -1.91 -9.46 12.95
CA LEU A 202 -3.19 -10.04 13.32
C LEU A 202 -3.04 -11.17 14.34
N MSE A 203 -3.92 -11.18 15.35
CA MSE A 203 -3.80 -12.13 16.45
C MSE A 203 -4.69 -13.33 16.19
O MSE A 203 -5.90 -13.21 16.12
CB MSE A 203 -4.19 -11.45 17.77
CG MSE A 203 -3.25 -10.31 18.17
SE MSE A 203 -1.42 -10.95 18.54
CE MSE A 203 -0.46 -9.69 17.44
N LEU A 204 -4.06 -14.49 16.03
CA LEU A 204 -4.80 -15.68 15.63
C LEU A 204 -5.80 -16.17 16.65
N HIS A 205 -5.43 -16.06 17.92
CA HIS A 205 -6.27 -16.65 18.96
C HIS A 205 -7.14 -15.64 19.72
N GLU A 206 -7.60 -14.61 19.02
CA GLU A 206 -8.59 -13.71 19.61
C GLU A 206 -9.94 -14.30 19.27
N TYR A 207 -10.71 -14.62 20.30
CA TYR A 207 -11.93 -15.39 20.13
C TYR A 207 -13.25 -14.65 20.45
N ARG A 208 -13.21 -13.37 20.80
CA ARG A 208 -14.45 -12.70 21.22
C ARG A 208 -15.37 -12.34 20.05
N PRO A 209 -16.69 -12.49 20.24
CA PRO A 209 -17.68 -12.04 19.25
C PRO A 209 -17.48 -10.57 18.94
N GLY A 210 -17.50 -10.21 17.66
CA GLY A 210 -17.42 -8.82 17.25
C GLY A 210 -16.02 -8.23 17.25
N PHE A 211 -15.03 -9.08 17.47
CA PHE A 211 -13.65 -8.64 17.44
C PHE A 211 -13.00 -9.09 16.14
N ASP A 212 -13.81 -9.27 15.10
CA ASP A 212 -13.31 -9.68 13.81
C ASP A 212 -12.52 -8.57 13.18
N PRO A 213 -11.30 -8.88 12.68
CA PRO A 213 -10.44 -7.83 12.12
C PRO A 213 -10.59 -7.66 10.63
N GLN A 214 -9.95 -6.64 10.07
CA GLN A 214 -9.65 -6.65 8.65
C GLN A 214 -8.51 -7.67 8.45
N HIS A 215 -8.39 -8.23 7.24
CA HIS A 215 -7.30 -9.18 6.93
C HIS A 215 -7.01 -9.07 5.43
N SER A 216 -6.06 -9.85 4.93
CA SER A 216 -5.57 -9.59 3.57
C SER A 216 -6.59 -10.00 2.49
N GLY A 217 -7.64 -10.71 2.89
CA GLY A 217 -8.72 -10.97 1.95
C GLY A 217 -9.53 -9.70 1.75
N ARG A 218 -9.59 -8.86 2.79
CA ARG A 218 -10.45 -7.68 2.78
C ARG A 218 -9.73 -6.40 2.43
N TYR A 219 -8.44 -6.32 2.77
CA TYR A 219 -7.63 -5.14 2.45
C TYR A 219 -7.60 -4.95 0.95
N VAL A 220 -7.71 -3.69 0.52
CA VAL A 220 -7.56 -3.33 -0.87
C VAL A 220 -6.27 -2.52 -1.07
N ILE A 221 -5.34 -3.06 -1.84
CA ILE A 221 -4.08 -2.35 -2.08
C ILE A 221 -4.17 -1.52 -3.36
N ALA A 222 -4.17 -0.21 -3.20
CA ALA A 222 -4.35 0.68 -4.35
C ALA A 222 -3.18 0.60 -5.33
N ASP A 223 -1.96 0.51 -4.81
CA ASP A 223 -0.74 0.47 -5.65
C ASP A 223 0.17 -0.68 -5.26
N PRO A 224 -0.14 -1.89 -5.73
CA PRO A 224 0.57 -3.06 -5.23
C PRO A 224 1.97 -3.26 -5.84
N GLU A 225 2.41 -2.37 -6.72
CA GLU A 225 3.79 -2.43 -7.22
C GLU A 225 4.71 -1.49 -6.44
N LYS A 226 4.14 -0.58 -5.67
CA LYS A 226 4.94 0.38 -4.89
C LYS A 226 4.83 0.20 -3.38
N THR A 227 3.61 0.05 -2.89
CA THR A 227 3.38 -0.14 -1.46
C THR A 227 3.98 -1.45 -0.93
N LYS A 228 4.85 -1.36 0.07
CA LYS A 228 5.38 -2.55 0.72
C LYS A 228 4.33 -3.11 1.65
N VAL A 229 3.87 -4.31 1.36
CA VAL A 229 2.77 -4.89 2.11
C VAL A 229 3.22 -6.06 2.98
N VAL A 230 2.98 -5.92 4.29
CA VAL A 230 3.28 -6.96 5.23
C VAL A 230 2.05 -7.18 6.12
N VAL A 231 1.27 -8.20 5.80
CA VAL A 231 0.17 -8.61 6.66
C VAL A 231 0.51 -9.98 7.25
N LYS A 232 0.80 -10.02 8.56
CA LYS A 232 1.25 -11.27 9.19
C LYS A 232 0.45 -11.64 10.45
N PRO A 233 0.14 -12.93 10.61
CA PRO A 233 -0.49 -13.34 11.86
C PRO A 233 0.58 -13.70 12.88
N TYR A 234 0.31 -13.42 14.16
CA TYR A 234 1.06 -14.01 15.27
C TYR A 234 0.09 -14.76 16.15
N TYR A 235 0.61 -15.57 17.08
CA TYR A 235 -0.24 -16.32 18.00
C TYR A 235 -0.63 -15.49 19.22
N GLY A 236 -1.76 -15.82 19.83
CA GLY A 236 -2.20 -15.14 21.02
C GLY A 236 -3.51 -14.40 20.81
N GLU A 237 -4.02 -13.79 21.86
CA GLU A 237 -5.23 -12.99 21.76
C GLU A 237 -4.97 -11.50 21.53
N HIS A 238 -6.06 -10.75 21.44
CA HIS A 238 -6.08 -9.32 21.16
C HIS A 238 -4.86 -8.48 21.59
N ASN A 239 -4.47 -8.64 22.86
CA ASN A 239 -3.46 -7.82 23.51
C ASN A 239 -2.06 -8.45 23.62
N THR A 240 -1.89 -9.64 23.10
CA THR A 240 -0.71 -10.45 23.37
C THR A 240 0.60 -9.86 22.86
N GLY A 241 0.51 -9.14 21.78
CA GLY A 241 1.66 -8.48 21.18
C GLY A 241 2.11 -7.20 21.87
N ASN A 242 1.29 -6.67 22.79
CA ASN A 242 1.51 -5.33 23.35
C ASN A 242 2.37 -5.27 24.61
N ARG A 243 2.59 -6.42 25.23
CA ARG A 243 3.34 -6.50 26.49
C ARG A 243 3.65 -7.98 26.74
N VAL A 244 4.74 -8.26 27.46
CA VAL A 244 4.97 -9.61 27.96
C VAL A 244 4.36 -9.81 29.35
N THR A 245 4.18 -11.06 29.76
CA THR A 245 3.75 -11.35 31.13
C THR A 245 4.78 -12.24 31.81
N GLU A 246 4.37 -12.88 32.89
CA GLU A 246 5.27 -13.70 33.66
C GLU A 246 5.47 -15.07 33.03
N ASP A 247 4.72 -15.38 31.98
CA ASP A 247 4.87 -16.69 31.34
C ASP A 247 5.69 -16.62 30.08
N PRO A 248 6.96 -17.10 30.14
CA PRO A 248 7.89 -17.06 29.00
C PRO A 248 7.31 -17.78 27.78
N ASN A 249 6.46 -18.76 28.03
CA ASN A 249 5.88 -19.60 26.98
C ASN A 249 4.97 -18.87 26.03
N THR A 250 4.42 -17.75 26.48
CA THR A 250 3.56 -16.99 25.59
C THR A 250 4.09 -15.58 25.33
N ASN A 251 5.40 -15.41 25.48
CA ASN A 251 6.02 -14.09 25.32
C ASN A 251 6.62 -13.78 23.96
N HIS A 252 6.69 -14.78 23.07
CA HIS A 252 7.38 -14.59 21.79
C HIS A 252 6.75 -13.48 20.96
N THR A 253 5.42 -13.42 20.98
CA THR A 253 4.70 -12.50 20.11
C THR A 253 5.07 -11.06 20.42
N ALA A 254 5.10 -10.73 21.70
CA ALA A 254 5.34 -9.36 22.13
C ALA A 254 6.79 -8.96 21.90
N ILE A 255 7.69 -9.93 22.01
CA ILE A 255 9.11 -9.68 21.74
C ILE A 255 9.33 -9.41 20.25
N LEU A 256 8.74 -10.24 19.40
CA LEU A 256 8.87 -10.07 17.97
C LEU A 256 8.20 -8.78 17.48
N LEU A 257 7.03 -8.45 18.02
CA LEU A 257 6.32 -7.25 17.59
C LEU A 257 7.06 -5.97 17.99
N ASN A 258 7.61 -5.94 19.20
CA ASN A 258 8.51 -4.87 19.59
C ASN A 258 9.65 -4.65 18.58
N ASP A 259 10.25 -5.75 18.13
CA ASP A 259 11.32 -5.70 17.14
C ASP A 259 10.82 -5.24 15.78
N ASP A 260 9.64 -5.72 15.38
CA ASP A 260 9.02 -5.31 14.12
C ASP A 260 8.82 -3.81 14.14
N MSE A 261 8.34 -3.31 15.28
CA MSE A 261 8.06 -1.89 15.38
C MSE A 261 9.33 -1.06 15.47
O MSE A 261 9.35 0.07 15.03
CB MSE A 261 7.12 -1.57 16.54
CG MSE A 261 6.43 -0.21 16.41
SE MSE A 261 4.95 -0.06 17.68
CE MSE A 261 4.60 1.83 17.40
N ASN A 262 10.40 -1.64 16.05
CA ASN A 262 11.71 -0.99 16.01
C ASN A 262 12.14 -0.77 14.58
N ARG A 263 12.08 -1.84 13.80
CA ARG A 263 12.50 -1.76 12.42
C ARG A 263 11.64 -0.73 11.68
N PHE A 264 10.34 -0.78 11.89
CA PHE A 264 9.44 0.13 11.21
C PHE A 264 9.80 1.58 11.52
N CYS A 265 10.07 1.87 12.78
CA CYS A 265 10.37 3.24 13.15
C CYS A 265 11.67 3.76 12.55
N ARG A 266 12.61 2.86 12.31
CA ARG A 266 13.91 3.25 11.79
C ARG A 266 13.89 3.33 10.29
N GLU A 267 13.03 2.55 9.65
CA GLU A 267 12.82 2.69 8.22
C GLU A 267 12.02 3.96 7.89
N THR A 268 11.23 4.47 8.84
CA THR A 268 10.27 5.54 8.54
C THR A 268 10.59 6.93 9.12
N GLY A 269 11.70 7.07 9.84
CA GLY A 269 12.16 8.38 10.27
C GLY A 269 11.85 8.72 11.73
N SER A 270 11.12 7.84 12.41
CA SER A 270 10.72 8.09 13.79
C SER A 270 11.88 7.93 14.77
N LEU A 271 12.80 7.03 14.44
CA LEU A 271 13.96 6.75 15.26
C LEU A 271 15.20 6.69 14.37
N PRO A 272 16.37 7.06 14.93
CA PRO A 272 17.59 7.05 14.10
C PRO A 272 18.00 5.61 13.80
N SER A 273 18.95 5.42 12.88
CA SER A 273 19.29 4.07 12.40
C SER A 273 19.90 3.20 13.49
N VAL A 274 20.67 3.80 14.37
CA VAL A 274 21.20 3.10 15.53
C VAL A 274 20.94 3.96 16.75
N GLY A 275 20.80 3.32 17.91
CA GLY A 275 20.53 4.06 19.12
C GLY A 275 19.61 3.23 19.98
N ILE A 276 19.13 3.83 21.07
CA ILE A 276 18.35 3.12 22.07
C ILE A 276 16.97 2.67 21.59
N SER A 277 16.54 1.54 22.13
CA SER A 277 15.29 0.94 21.75
C SER A 277 14.24 1.17 22.84
N PRO A 278 12.99 1.34 22.44
CA PRO A 278 11.92 1.47 23.44
C PRO A 278 11.81 0.16 24.20
N PRO A 279 11.79 0.23 25.53
CA PRO A 279 11.72 -1.00 26.32
C PRO A 279 10.42 -1.74 26.06
N ILE A 280 10.50 -3.06 26.14
CA ILE A 280 9.33 -3.93 26.20
C ILE A 280 8.64 -3.66 27.55
N ILE A 281 7.31 -3.72 27.55
CA ILE A 281 6.56 -3.54 28.79
C ILE A 281 6.10 -4.90 29.30
N ALA A 282 6.31 -5.16 30.59
CA ALA A 282 5.89 -6.40 31.21
C ALA A 282 4.78 -6.17 32.22
N ARG A 283 3.70 -6.94 32.09
CA ARG A 283 2.71 -6.97 33.15
C ARG A 283 3.09 -8.03 34.18
N VAL A 284 3.48 -7.57 35.35
CA VAL A 284 3.81 -8.46 36.43
C VAL A 284 2.86 -8.21 37.60
N GLY A 285 1.99 -9.18 37.87
CA GLY A 285 0.97 -8.98 38.88
C GLY A 285 0.00 -7.91 38.41
N ASP A 286 -0.14 -6.85 39.22
CA ASP A 286 -0.96 -5.71 38.82
C ASP A 286 -0.10 -4.53 38.33
N LYS A 287 1.22 -4.69 38.44
CA LYS A 287 2.17 -3.67 38.00
C LYS A 287 2.58 -3.86 36.54
N LYS A 288 3.01 -2.76 35.89
CA LYS A 288 3.59 -2.83 34.56
C LYS A 288 5.05 -2.37 34.62
N GLU A 289 5.97 -3.19 34.11
CA GLU A 289 7.40 -2.95 34.27
C GLU A 289 8.09 -2.80 32.92
N GLU A 290 9.27 -2.17 32.90
CA GLU A 290 10.02 -2.00 31.66
C GLU A 290 11.19 -2.95 31.57
N VAL A 291 11.30 -3.63 30.43
CA VAL A 291 12.39 -4.57 30.18
C VAL A 291 13.28 -4.00 29.09
N ARG A 292 14.54 -3.73 29.43
CA ARG A 292 15.50 -3.19 28.46
C ARG A 292 15.60 -4.13 27.28
N THR A 293 15.63 -3.59 26.07
CA THR A 293 15.77 -4.40 24.87
C THR A 293 16.85 -3.83 23.99
N HIS A 294 17.20 -4.55 22.92
CA HIS A 294 18.13 -4.05 21.89
C HIS A 294 17.35 -3.66 20.64
N SER A 295 17.87 -2.70 19.90
CA SER A 295 17.12 -2.11 18.80
C SER A 295 17.03 -3.02 17.58
N GLU A 296 17.67 -4.20 17.64
CA GLU A 296 17.62 -5.10 16.49
C GLU A 296 17.94 -6.54 16.86
N LEU A 297 17.00 -7.45 16.63
CA LEU A 297 17.24 -8.87 16.85
C LEU A 297 17.82 -9.52 15.59
N SER A 298 18.73 -10.46 15.78
CA SER A 298 19.34 -11.15 14.63
C SER A 298 18.33 -12.09 13.97
N PRO A 299 18.58 -12.49 12.72
CA PRO A 299 17.75 -13.51 12.06
C PRO A 299 17.66 -14.82 12.85
N GLU A 300 18.77 -15.25 13.45
CA GLU A 300 18.78 -16.51 14.22
C GLU A 300 17.85 -16.35 15.41
N LYS A 301 17.92 -15.19 16.05
CA LYS A 301 17.08 -14.92 17.20
C LYS A 301 15.60 -14.86 16.80
N ARG A 302 15.30 -14.24 15.67
CA ARG A 302 13.90 -14.17 15.21
C ARG A 302 13.40 -15.55 14.85
N PHE A 303 14.26 -16.39 14.29
CA PHE A 303 13.88 -17.75 13.95
C PHE A 303 13.64 -18.56 15.22
N GLU A 304 14.48 -18.37 16.24
CA GLU A 304 14.29 -19.07 17.51
C GLU A 304 12.96 -18.70 18.17
N LEU A 305 12.66 -17.42 18.26
CA LEU A 305 11.37 -16.95 18.75
C LEU A 305 10.17 -17.51 18.00
N LEU A 306 10.26 -17.56 16.68
CA LEU A 306 9.14 -18.06 15.90
C LEU A 306 8.95 -19.56 16.08
N CYS A 307 10.06 -20.29 16.23
CA CYS A 307 10.04 -21.73 16.52
C CYS A 307 9.44 -21.99 17.90
N GLY A 308 9.75 -21.10 18.84
CA GLY A 308 9.21 -21.21 20.19
C GLY A 308 7.72 -20.89 20.23
N MSE A 309 7.27 -19.98 19.37
CA MSE A 309 5.85 -19.67 19.25
C MSE A 309 5.12 -20.91 18.75
O MSE A 309 4.16 -21.36 19.36
CB MSE A 309 5.66 -18.49 18.27
CG MSE A 309 4.20 -18.02 18.10
SE MSE A 309 4.02 -16.54 16.81
CE MSE A 309 5.14 -15.25 17.72
N LYS A 310 5.61 -21.45 17.65
CA LYS A 310 5.06 -22.68 17.09
C LYS A 310 4.99 -23.79 18.14
N GLU A 311 6.06 -23.96 18.89
CA GLU A 311 6.13 -25.01 19.91
C GLU A 311 5.03 -24.83 20.95
N ASN A 312 4.71 -23.59 21.27
CA ASN A 312 3.75 -23.30 22.32
C ASN A 312 2.39 -22.87 21.80
N GLU A 313 2.06 -23.30 20.58
CA GLU A 313 0.77 -22.97 19.98
C GLU A 313 -0.39 -23.25 20.93
N TRP A 314 -0.34 -24.38 21.62
CA TRP A 314 -1.43 -24.75 22.52
C TRP A 314 -1.59 -23.76 23.67
N GLY A 315 -0.47 -23.25 24.19
CA GLY A 315 -0.51 -22.27 25.25
C GLY A 315 -1.23 -21.00 24.82
N TYR A 316 -0.88 -20.50 23.63
CA TYR A 316 -1.52 -19.30 23.05
C TYR A 316 -3.00 -19.56 22.80
N ALA A 317 -3.31 -20.71 22.21
CA ALA A 317 -4.68 -21.08 21.89
C ALA A 317 -5.59 -21.14 23.11
N LYS A 318 -5.03 -21.43 24.27
CA LYS A 318 -5.82 -21.57 25.48
C LYS A 318 -5.87 -20.30 26.34
N LEU A 319 -5.30 -19.19 25.89
CA LEU A 319 -5.26 -18.02 26.78
C LEU A 319 -6.65 -17.57 27.22
N THR A 320 -7.63 -17.71 26.32
CA THR A 320 -8.95 -17.14 26.51
C THR A 320 -10.01 -18.15 26.09
N LYS A 321 -11.23 -17.95 26.57
CA LYS A 321 -12.33 -18.81 26.17
C LYS A 321 -12.65 -18.64 24.68
N LYS A 322 -12.84 -19.77 24.01
CA LYS A 322 -13.11 -19.80 22.59
C LYS A 322 -14.59 -19.62 22.21
N TYR A 323 -15.08 -18.39 22.28
CA TYR A 323 -16.45 -18.11 21.83
C TYR A 323 -16.59 -18.25 20.32
N HIS A 324 -15.56 -17.85 19.59
CA HIS A 324 -15.68 -17.64 18.15
C HIS A 324 -14.30 -17.71 17.46
N GLU A 325 -14.24 -18.37 16.29
CA GLU A 325 -13.02 -18.51 15.52
C GLU A 325 -12.93 -17.46 14.41
N ARG A 326 -11.88 -16.63 14.42
CA ARG A 326 -11.63 -15.72 13.30
C ARG A 326 -11.31 -16.53 12.05
N SER A 327 -11.69 -16.02 10.88
CA SER A 327 -11.45 -16.72 9.62
C SER A 327 -9.96 -16.97 9.38
N ILE A 328 -9.12 -16.06 9.85
CA ILE A 328 -7.67 -16.22 9.64
C ILE A 328 -7.13 -17.44 10.39
N LEU A 329 -7.86 -17.88 11.41
CA LEU A 329 -7.45 -19.05 12.16
C LEU A 329 -7.79 -20.30 11.35
N SER A 330 -9.00 -20.30 10.79
CA SER A 330 -9.50 -21.45 10.07
C SER A 330 -8.88 -21.63 8.69
N LYS A 331 -7.96 -20.72 8.33
CA LYS A 331 -7.41 -20.69 6.98
C LYS A 331 -5.96 -20.23 7.01
N ARG A 332 -5.18 -20.75 7.95
CA ARG A 332 -3.80 -20.30 8.09
C ARG A 332 -2.87 -20.78 6.96
N GLU A 333 -3.24 -21.85 6.27
CA GLU A 333 -2.45 -22.31 5.12
C GLU A 333 -2.31 -21.21 4.06
N ASP A 334 -3.29 -20.31 4.03
CA ASP A 334 -3.27 -19.22 3.07
C ASP A 334 -2.16 -18.20 3.30
N TYR A 335 -1.79 -17.98 4.55
CA TYR A 335 -0.75 -16.99 4.87
C TYR A 335 0.66 -17.55 4.66
N VAL A 336 0.79 -18.88 4.65
CA VAL A 336 2.09 -19.51 4.40
C VAL A 336 1.96 -20.93 3.84
N GLN A 337 2.81 -21.27 2.88
CA GLN A 337 2.91 -22.64 2.41
C GLN A 337 3.55 -23.53 3.47
N ASP A 338 3.09 -24.78 3.56
CA ASP A 338 3.56 -25.72 4.57
C ASP A 338 3.33 -25.18 5.97
N SER A 339 2.09 -24.78 6.23
CA SER A 339 1.69 -24.22 7.52
C SER A 339 1.88 -25.21 8.66
N ARG A 340 2.03 -26.49 8.34
CA ARG A 340 2.31 -27.51 9.36
C ARG A 340 3.63 -27.25 10.07
N LEU A 341 4.53 -26.56 9.36
CA LEU A 341 5.90 -26.35 9.81
C LEU A 341 6.18 -24.91 10.24
N PHE A 342 5.54 -23.96 9.57
CA PHE A 342 5.86 -22.54 9.73
C PHE A 342 4.67 -21.75 10.26
N VAL A 343 4.94 -20.79 11.14
CA VAL A 343 3.92 -19.93 11.71
C VAL A 343 3.39 -18.98 10.64
N ASN A 344 4.29 -18.43 9.84
CA ASN A 344 3.91 -17.48 8.82
C ASN A 344 5.00 -17.35 7.76
N GLN A 345 4.82 -16.37 6.88
CA GLN A 345 5.73 -16.15 5.77
C GLN A 345 7.17 -15.93 6.23
N GLU A 346 7.36 -15.09 7.25
CA GLU A 346 8.70 -14.79 7.69
C GLU A 346 9.39 -16.03 8.26
N HIS A 347 8.62 -16.89 8.93
CA HIS A 347 9.17 -18.09 9.53
C HIS A 347 9.77 -18.96 8.44
N ARG A 348 9.07 -19.02 7.32
CA ARG A 348 9.50 -19.82 6.21
C ARG A 348 10.74 -19.22 5.55
N GLU A 349 10.78 -17.90 5.36
CA GLU A 349 11.92 -17.31 4.69
C GLU A 349 13.16 -17.30 5.59
N LEU A 350 12.96 -17.23 6.89
CA LEU A 350 14.07 -17.36 7.82
C LEU A 350 14.71 -18.75 7.72
N PHE A 351 13.89 -19.80 7.67
CA PHE A 351 14.41 -21.14 7.47
C PHE A 351 15.25 -21.18 6.18
N LYS A 352 14.70 -20.67 5.07
CA LYS A 352 15.44 -20.62 3.80
C LYS A 352 16.78 -19.88 3.93
N GLN A 353 16.74 -18.69 4.55
CA GLN A 353 17.96 -17.93 4.82
C GLN A 353 18.98 -18.68 5.69
N LEU A 354 18.52 -19.39 6.71
CA LEU A 354 19.43 -19.99 7.67
C LEU A 354 19.86 -21.41 7.29
N TYR A 355 19.06 -22.09 6.46
CA TYR A 355 19.32 -23.48 6.09
C TYR A 355 19.04 -23.70 4.59
N PRO A 356 19.80 -23.01 3.72
CA PRO A 356 19.48 -22.89 2.29
C PRO A 356 19.54 -24.21 1.57
N LYS A 357 20.48 -25.06 1.94
CA LYS A 357 20.62 -26.34 1.27
C LYS A 357 19.42 -27.19 1.61
N SER A 358 19.10 -27.29 2.89
CA SER A 358 17.91 -28.01 3.32
C SER A 358 16.66 -27.46 2.63
N PHE A 359 16.53 -26.14 2.59
CA PHE A 359 15.36 -25.52 1.96
C PHE A 359 15.31 -25.83 0.48
N ASN A 360 16.45 -25.70 -0.18
CA ASN A 360 16.50 -25.98 -1.61
C ASN A 360 16.13 -27.43 -1.90
N TRP A 361 16.53 -28.32 -1.01
CA TRP A 361 16.31 -29.75 -1.18
C TRP A 361 14.87 -30.15 -0.90
N PHE A 362 14.34 -29.65 0.20
CA PHE A 362 13.00 -30.03 0.66
C PHE A 362 11.85 -29.26 0.01
N PHE A 363 12.09 -28.00 -0.36
CA PHE A 363 10.99 -27.16 -0.83
C PHE A 363 11.14 -26.70 -2.28
N GLU A 364 12.36 -26.74 -2.82
CA GLU A 364 12.59 -26.32 -4.21
C GLU A 364 12.95 -27.47 -5.16
N LYS A 365 12.92 -28.71 -4.69
CA LYS A 365 13.23 -29.88 -5.52
C LYS A 365 14.62 -29.78 -6.15
N ASN A 366 15.56 -29.25 -5.39
CA ASN A 366 16.92 -29.05 -5.86
C ASN A 366 16.97 -28.26 -7.18
N HIS A 367 16.15 -27.20 -7.25
CA HIS A 367 16.12 -26.37 -8.42
C HIS A 367 17.48 -25.76 -8.62
N GLY A 368 18.02 -25.95 -9.82
CA GLY A 368 19.35 -25.44 -10.11
C GLY A 368 20.38 -26.56 -10.04
N GLY A 369 20.09 -27.57 -9.24
CA GLY A 369 20.98 -28.71 -9.12
C GLY A 369 22.33 -28.42 -8.49
N GLN A 370 22.37 -27.43 -7.60
CA GLN A 370 23.62 -27.06 -6.94
C GLN A 370 23.73 -27.66 -5.53
N THR A 371 22.67 -28.30 -5.05
CA THR A 371 22.71 -28.87 -3.69
C THR A 371 23.11 -30.34 -3.67
N LYS A 372 24.15 -30.67 -2.90
CA LYS A 372 24.59 -32.03 -2.74
C LYS A 372 23.95 -32.64 -1.49
N LYS A 373 23.63 -33.94 -1.58
CA LYS A 373 23.04 -34.68 -0.48
C LYS A 373 23.81 -34.43 0.81
N GLU A 374 25.14 -34.51 0.72
CA GLU A 374 26.01 -34.39 1.89
C GLU A 374 25.90 -33.03 2.55
N GLU A 375 25.62 -31.99 1.74
CA GLU A 375 25.49 -30.63 2.26
C GLU A 375 24.21 -30.46 3.07
N VAL A 376 23.15 -31.11 2.60
CA VAL A 376 21.88 -31.16 3.33
C VAL A 376 22.04 -31.93 4.64
N ILE A 377 22.76 -33.05 4.58
CA ILE A 377 22.96 -33.86 5.76
C ILE A 377 23.75 -33.09 6.82
N VAL A 378 24.74 -32.33 6.39
CA VAL A 378 25.51 -31.54 7.34
C VAL A 378 24.61 -30.52 8.05
N GLU A 379 23.77 -29.83 7.27
CA GLU A 379 22.80 -28.88 7.82
C GLU A 379 21.84 -29.51 8.82
N LEU A 380 21.24 -30.64 8.44
CA LEU A 380 20.31 -31.36 9.31
C LEU A 380 20.96 -31.81 10.61
N LYS A 381 22.15 -32.39 10.52
CA LYS A 381 22.90 -32.82 11.69
C LYS A 381 23.09 -31.66 12.65
N SER A 382 23.41 -30.49 12.10
CA SER A 382 23.61 -29.31 12.93
C SER A 382 22.31 -28.87 13.57
N LEU A 383 21.25 -28.88 12.78
CA LEU A 383 19.94 -28.52 13.27
C LEU A 383 19.53 -29.46 14.43
N SER A 384 19.75 -30.76 14.27
CA SER A 384 19.30 -31.73 15.29
C SER A 384 20.04 -31.59 16.62
N GLU A 385 21.23 -31.01 16.60
CA GLU A 385 22.04 -30.85 17.80
C GLU A 385 21.87 -29.48 18.46
N ASP A 386 21.10 -28.61 17.81
CA ASP A 386 20.83 -27.28 18.34
C ASP A 386 19.69 -27.31 19.37
N PRO A 387 20.03 -26.95 20.62
CA PRO A 387 19.03 -26.90 21.70
C PRO A 387 17.92 -25.88 21.41
N ARG A 388 18.25 -24.85 20.62
CA ARG A 388 17.28 -23.82 20.28
C ARG A 388 16.16 -24.35 19.42
N TYR A 389 16.40 -25.43 18.69
CA TYR A 389 15.45 -25.81 17.64
C TYR A 389 14.90 -27.22 17.70
N GLU A 390 14.76 -27.79 18.89
CA GLU A 390 14.45 -29.21 18.97
C GLU A 390 13.03 -29.54 18.51
N HIS A 391 12.07 -28.70 18.84
CA HIS A 391 10.70 -28.95 18.40
C HIS A 391 10.60 -28.77 16.88
N PHE A 392 11.24 -27.73 16.35
CA PHE A 392 11.25 -27.53 14.92
C PHE A 392 11.94 -28.69 14.14
N PHE A 393 13.10 -29.14 14.61
CA PHE A 393 13.74 -30.27 13.94
C PHE A 393 12.86 -31.52 13.98
N SER A 394 12.36 -31.89 15.16
CA SER A 394 11.42 -33.00 15.33
C SER A 394 10.24 -32.91 14.35
N SER A 395 9.68 -31.71 14.24
CA SER A 395 8.58 -31.49 13.33
C SER A 395 9.01 -31.70 11.87
N LEU A 396 10.18 -31.18 11.53
CA LEU A 396 10.75 -31.34 10.19
C LEU A 396 11.02 -32.82 9.85
N ALA A 397 11.56 -33.56 10.82
CA ALA A 397 11.86 -34.97 10.61
C ALA A 397 10.60 -35.85 10.56
N LYS A 398 9.58 -35.45 11.30
CA LYS A 398 8.30 -36.14 11.21
C LYS A 398 7.67 -35.92 9.84
N HIS A 399 7.61 -34.66 9.41
CA HIS A 399 7.02 -34.32 8.11
C HIS A 399 7.67 -35.09 6.95
N PHE A 400 9.00 -35.16 6.94
CA PHE A 400 9.71 -35.78 5.83
C PHE A 400 10.21 -37.20 6.09
N GLN A 401 9.78 -37.78 7.21
CA GLN A 401 10.13 -39.16 7.56
C GLN A 401 11.64 -39.43 7.67
N ILE A 402 12.32 -38.59 8.44
CA ILE A 402 13.75 -38.76 8.70
C ILE A 402 14.00 -39.33 10.09
N ASN A 403 14.89 -40.32 10.17
CA ASN A 403 15.27 -40.93 11.44
C ASN A 403 16.43 -40.15 12.06
N GLU A 404 16.16 -39.42 13.14
CA GLU A 404 17.18 -38.65 13.85
C GLU A 404 18.48 -39.44 14.14
N ASN A 405 18.35 -40.75 14.37
CA ASN A 405 19.51 -41.63 14.59
C ASN A 405 20.21 -42.14 13.32
N ASN A 406 19.67 -41.82 12.15
CA ASN A 406 20.28 -42.20 10.86
C ASN A 406 19.87 -41.19 9.79
N ILE A 407 20.37 -39.97 9.92
CA ILE A 407 19.96 -38.93 9.00
C ILE A 407 20.41 -39.23 7.58
N ALA A 408 21.69 -39.63 7.45
CA ALA A 408 22.30 -39.92 6.16
C ALA A 408 21.53 -40.97 5.37
N GLY A 409 21.17 -42.07 6.04
CA GLY A 409 20.49 -43.18 5.40
C GLY A 409 18.99 -43.00 5.14
N THR A 410 18.37 -41.99 5.76
CA THR A 410 16.93 -41.81 5.59
C THR A 410 16.54 -40.50 4.93
N LEU A 411 17.52 -39.75 4.44
CA LEU A 411 17.21 -38.52 3.71
C LEU A 411 16.50 -38.87 2.42
N PRO A 412 15.28 -38.34 2.22
CA PRO A 412 14.53 -38.63 0.99
C PRO A 412 15.06 -37.86 -0.22
N GLU A 413 14.60 -38.21 -1.41
CA GLU A 413 14.96 -37.47 -2.62
C GLU A 413 14.38 -36.05 -2.54
N PRO A 414 14.91 -35.12 -3.37
CA PRO A 414 14.40 -33.75 -3.30
C PRO A 414 12.89 -33.67 -3.49
N SER A 415 12.27 -32.73 -2.81
CA SER A 415 10.81 -32.62 -2.84
C SER A 415 10.37 -31.16 -2.95
N GLY A 416 9.07 -30.97 -3.15
CA GLY A 416 8.51 -29.63 -3.28
C GLY A 416 8.31 -29.22 -4.73
N ILE A 417 8.47 -27.92 -5.00
CA ILE A 417 8.25 -27.40 -6.34
C ILE A 417 9.55 -27.01 -7.00
N ASP A 418 9.70 -27.40 -8.26
CA ASP A 418 10.90 -27.11 -9.02
C ASP A 418 10.98 -25.64 -9.44
N ARG A 419 11.47 -24.78 -8.55
CA ARG A 419 11.55 -23.35 -8.84
C ARG A 419 12.50 -22.63 -7.87
N ASP A 420 12.93 -21.43 -8.23
CA ASP A 420 13.57 -20.58 -7.24
C ASP A 420 12.48 -19.75 -6.57
N GLU A 421 12.18 -20.09 -5.33
CA GLU A 421 11.19 -19.34 -4.56
C GLU A 421 11.78 -17.98 -4.24
N LYS A 422 11.13 -16.94 -4.70
CA LYS A 422 11.65 -15.61 -4.52
C LYS A 422 11.16 -15.05 -3.19
N SER A 423 12.05 -14.40 -2.46
CA SER A 423 11.70 -13.73 -1.22
C SER A 423 10.60 -12.69 -1.48
N SER A 424 9.63 -12.63 -0.58
CA SER A 424 8.51 -11.72 -0.77
C SER A 424 8.13 -10.99 0.51
N PHE A 425 8.73 -11.39 1.63
CA PHE A 425 8.39 -10.76 2.90
C PHE A 425 8.97 -9.34 2.93
N GLY A 426 8.11 -8.35 3.15
CA GLY A 426 8.55 -6.97 3.26
C GLY A 426 8.54 -6.22 1.92
N GLN A 427 8.03 -6.88 0.89
CA GLN A 427 8.08 -6.38 -0.48
C GLN A 427 6.69 -5.97 -0.94
N PRO A 428 6.59 -5.25 -2.07
CA PRO A 428 5.25 -5.09 -2.63
C PRO A 428 4.72 -6.45 -3.08
N PRO A 429 3.39 -6.61 -3.11
CA PRO A 429 2.74 -7.85 -3.56
C PRO A 429 3.11 -8.16 -5.01
N VAL A 430 3.35 -7.14 -5.81
CA VAL A 430 3.67 -7.35 -7.23
C VAL A 430 5.12 -7.03 -7.52
N ARG A 431 5.84 -8.04 -8.00
CA ARG A 431 7.29 -8.00 -8.10
C ARG A 431 7.72 -8.51 -9.44
N ASP A 432 6.80 -9.11 -10.18
CA ASP A 432 7.12 -9.70 -11.48
C ASP A 432 5.84 -10.19 -12.13
N ARG A 433 5.96 -10.86 -13.28
CA ARG A 433 4.78 -11.21 -14.06
C ARG A 433 3.90 -12.23 -13.33
N LEU A 434 4.51 -13.26 -12.77
CA LEU A 434 3.74 -14.25 -12.02
C LEU A 434 2.99 -13.66 -10.83
N SER A 435 3.69 -12.92 -9.96
CA SER A 435 3.01 -12.34 -8.81
C SER A 435 1.97 -11.31 -9.25
N TYR A 436 2.19 -10.68 -10.40
CA TYR A 436 1.25 -9.71 -10.93
C TYR A 436 -0.08 -10.37 -11.27
N LEU A 437 -0.02 -11.55 -11.91
CA LEU A 437 -1.23 -12.29 -12.26
C LEU A 437 -1.92 -12.85 -11.01
N GLN A 438 -1.12 -13.38 -10.10
CA GLN A 438 -1.70 -13.96 -8.88
C GLN A 438 -2.36 -12.91 -8.02
N HIS A 439 -1.68 -11.79 -7.80
CA HIS A 439 -2.23 -10.74 -6.96
C HIS A 439 -3.46 -10.10 -7.60
N SER A 440 -3.39 -9.90 -8.91
CA SER A 440 -4.48 -9.25 -9.63
C SER A 440 -5.74 -10.07 -9.62
N LEU A 441 -5.62 -11.32 -10.03
CA LEU A 441 -6.75 -12.21 -10.10
C LEU A 441 -7.34 -12.44 -8.70
N THR A 442 -6.47 -12.51 -7.69
CA THR A 442 -6.91 -12.66 -6.31
C THR A 442 -7.63 -11.41 -5.82
N SER A 443 -7.06 -10.24 -6.10
CA SER A 443 -7.64 -8.98 -5.65
C SER A 443 -8.98 -8.72 -6.32
N ILE A 444 -9.06 -9.01 -7.61
CA ILE A 444 -10.32 -8.90 -8.32
C ILE A 444 -11.40 -9.83 -7.73
N ALA A 445 -11.02 -11.07 -7.44
CA ALA A 445 -11.98 -12.05 -6.92
C ALA A 445 -12.42 -11.68 -5.51
N ASN A 446 -11.45 -11.30 -4.68
CA ASN A 446 -11.74 -10.87 -3.31
C ASN A 446 -12.53 -9.57 -3.25
N TYR A 447 -12.28 -8.63 -4.17
CA TYR A 447 -13.07 -7.41 -4.16
C TYR A 447 -14.53 -7.76 -4.44
N TYR A 448 -14.75 -8.60 -5.44
CA TYR A 448 -16.11 -9.00 -5.77
C TYR A 448 -16.74 -9.70 -4.58
N HIS A 449 -15.97 -10.57 -3.94
CA HIS A 449 -16.53 -11.37 -2.87
C HIS A 449 -16.88 -10.54 -1.63
N TYR A 450 -15.94 -9.73 -1.17
CA TYR A 450 -16.15 -9.00 0.08
C TYR A 450 -16.79 -7.62 -0.10
N HIS A 451 -16.63 -7.00 -1.27
CA HIS A 451 -16.99 -5.59 -1.39
C HIS A 451 -18.02 -5.24 -2.45
N CYS A 452 -18.51 -6.23 -3.20
CA CYS A 452 -19.53 -5.96 -4.20
C CYS A 452 -20.88 -6.44 -3.73
N ASP A 453 -21.86 -5.53 -3.75
CA ASP A 453 -23.26 -5.88 -3.52
C ASP A 453 -23.88 -6.20 -4.88
N GLU A 454 -23.01 -6.43 -5.85
CA GLU A 454 -23.38 -6.69 -7.24
C GLU A 454 -23.31 -8.19 -7.52
N LYS A 455 -24.06 -8.96 -6.74
CA LYS A 455 -23.94 -10.43 -6.77
C LYS A 455 -24.67 -11.11 -7.94
N SER A 456 -24.26 -12.34 -8.23
CA SER A 456 -24.84 -13.15 -9.30
C SER A 456 -24.32 -14.56 -9.15
N SER A 457 -24.96 -15.53 -9.79
CA SER A 457 -24.47 -16.90 -9.71
C SER A 457 -23.31 -17.13 -10.67
N THR A 458 -23.42 -16.58 -11.88
CA THR A 458 -22.35 -16.65 -12.86
C THR A 458 -21.08 -16.02 -12.29
N ASN A 459 -21.24 -14.84 -11.72
CA ASN A 459 -20.12 -14.18 -11.05
C ASN A 459 -19.55 -15.00 -9.89
N GLU A 460 -20.43 -15.66 -9.13
CA GLU A 460 -20.01 -16.46 -7.98
C GLU A 460 -19.09 -17.62 -8.33
N SER A 461 -19.42 -18.33 -9.41
CA SER A 461 -18.59 -19.46 -9.81
C SER A 461 -17.32 -19.00 -10.52
N VAL A 462 -17.41 -17.92 -11.30
CA VAL A 462 -16.21 -17.35 -11.90
C VAL A 462 -15.26 -16.90 -10.78
N LYS A 463 -15.82 -16.26 -9.75
CA LYS A 463 -15.03 -15.83 -8.61
C LYS A 463 -14.33 -17.01 -7.92
N ASN A 464 -15.09 -18.07 -7.64
CA ASN A 464 -14.52 -19.25 -6.99
C ASN A 464 -13.44 -19.90 -7.84
N LEU A 465 -13.65 -19.91 -9.15
CA LEU A 465 -12.72 -20.52 -10.08
C LEU A 465 -11.39 -19.78 -10.12
N LEU A 466 -11.43 -18.45 -10.11
CA LEU A 466 -10.22 -17.66 -10.11
C LEU A 466 -9.40 -17.93 -8.88
N LEU A 467 -10.07 -18.01 -7.73
CA LEU A 467 -9.40 -18.29 -6.47
C LEU A 467 -8.80 -19.70 -6.48
N GLU A 468 -9.53 -20.65 -7.05
CA GLU A 468 -9.05 -22.02 -7.16
C GLU A 468 -7.84 -22.10 -8.10
N ARG A 469 -7.93 -21.43 -9.25
CA ARG A 469 -6.85 -21.41 -10.22
C ARG A 469 -5.58 -20.77 -9.68
N VAL A 470 -5.73 -19.70 -8.90
CA VAL A 470 -4.55 -19.08 -8.32
C VAL A 470 -3.88 -20.02 -7.32
N LYS A 471 -4.69 -20.68 -6.50
CA LYS A 471 -4.19 -21.64 -5.53
C LYS A 471 -3.41 -22.73 -6.26
N GLU A 472 -4.01 -23.28 -7.31
CA GLU A 472 -3.35 -24.28 -8.13
C GLU A 472 -2.03 -23.79 -8.70
N SER A 473 -1.96 -22.51 -9.06
CA SER A 473 -0.74 -21.97 -9.69
C SER A 473 0.44 -21.91 -8.71
N ARG A 474 0.15 -21.94 -7.41
CA ARG A 474 1.21 -21.85 -6.39
C ARG A 474 1.98 -23.14 -6.21
N THR A 475 1.53 -24.20 -6.85
CA THR A 475 2.15 -25.51 -6.72
C THR A 475 2.79 -25.89 -8.03
N LYS A 476 2.92 -24.92 -8.93
CA LYS A 476 3.51 -25.18 -10.24
C LYS A 476 4.82 -24.42 -10.39
N PRO A 477 5.74 -24.94 -11.23
CA PRO A 477 6.92 -24.14 -11.58
C PRO A 477 6.51 -22.88 -12.32
N ASP A 478 7.34 -21.85 -12.25
CA ASP A 478 6.98 -20.49 -12.69
C ASP A 478 6.38 -20.35 -14.10
N SER A 479 6.98 -21.01 -15.09
CA SER A 479 6.49 -20.90 -16.47
C SER A 479 5.13 -21.54 -16.60
N GLU A 480 4.98 -22.72 -16.02
CA GLU A 480 3.70 -23.40 -16.04
C GLU A 480 2.62 -22.65 -15.26
N ALA A 481 3.03 -22.02 -14.15
CA ALA A 481 2.07 -21.27 -13.34
C ALA A 481 1.53 -20.08 -14.15
N ILE A 482 2.42 -19.36 -14.84
CA ILE A 482 2.01 -18.23 -15.67
C ILE A 482 1.03 -18.66 -16.76
N LYS A 483 1.35 -19.74 -17.46
CA LYS A 483 0.46 -20.24 -18.50
C LYS A 483 -0.91 -20.68 -17.96
N HIS A 484 -0.89 -21.32 -16.79
CA HIS A 484 -2.12 -21.74 -16.13
C HIS A 484 -3.06 -20.56 -15.89
N LEU A 485 -2.48 -19.42 -15.52
CA LEU A 485 -3.28 -18.25 -15.14
C LEU A 485 -3.79 -17.52 -16.39
N GLU A 486 -3.00 -17.48 -17.45
CA GLU A 486 -3.45 -16.90 -18.71
C GLU A 486 -4.55 -17.74 -19.37
N GLN A 487 -4.47 -19.05 -19.23
CA GLN A 487 -5.52 -19.94 -19.72
C GLN A 487 -6.78 -19.75 -18.89
N THR A 488 -6.61 -19.49 -17.60
CA THR A 488 -7.74 -19.21 -16.73
C THR A 488 -8.47 -17.93 -17.16
N MSE A 489 -7.70 -16.88 -17.48
CA MSE A 489 -8.29 -15.63 -17.93
C MSE A 489 -9.10 -15.80 -19.21
O MSE A 489 -10.16 -15.21 -19.37
CB MSE A 489 -7.19 -14.59 -18.16
CG MSE A 489 -6.84 -13.83 -16.90
SE MSE A 489 -5.14 -12.88 -17.02
CE MSE A 489 -5.32 -12.12 -18.81
N ASP A 490 -8.60 -16.63 -20.13
CA ASP A 490 -9.29 -16.86 -21.38
C ASP A 490 -10.55 -17.68 -21.16
N GLU A 491 -10.46 -18.70 -20.31
CA GLU A 491 -11.62 -19.52 -19.97
C GLU A 491 -12.67 -18.65 -19.28
N VAL A 492 -12.20 -17.77 -18.40
CA VAL A 492 -13.10 -16.91 -17.64
C VAL A 492 -13.86 -15.92 -18.53
N ARG A 493 -13.15 -15.23 -19.42
CA ARG A 493 -13.78 -14.35 -20.40
C ARG A 493 -14.79 -15.10 -21.27
N GLN A 494 -14.44 -16.32 -21.65
CA GLN A 494 -15.30 -17.14 -22.49
C GLN A 494 -16.59 -17.51 -21.77
N ILE A 495 -16.49 -17.71 -20.46
CA ILE A 495 -17.66 -18.01 -19.63
C ILE A 495 -18.52 -16.78 -19.44
N LEU A 496 -17.88 -15.66 -19.10
CA LEU A 496 -18.60 -14.42 -18.87
C LEU A 496 -19.37 -14.00 -20.11
N GLU A 497 -18.77 -14.14 -21.28
CA GLU A 497 -19.46 -13.85 -22.53
C GLU A 497 -20.66 -14.76 -22.73
N SER A 498 -20.50 -16.04 -22.40
CA SER A 498 -21.54 -17.04 -22.62
C SER A 498 -22.87 -16.66 -21.97
N LYS A 499 -22.78 -15.97 -20.84
CA LYS A 499 -23.96 -15.61 -20.06
C LYS A 499 -24.14 -14.09 -20.07
N ASN A 500 -23.39 -13.43 -20.95
CA ASN A 500 -23.42 -11.97 -21.12
C ASN A 500 -23.20 -11.15 -19.85
N GLU A 501 -22.65 -11.79 -18.83
CA GLU A 501 -22.27 -11.12 -17.59
C GLU A 501 -21.08 -10.21 -17.82
N LYS A 502 -21.34 -8.93 -18.03
CA LYS A 502 -20.26 -8.01 -18.35
C LYS A 502 -20.12 -6.89 -17.32
N GLY A 503 -20.14 -7.25 -16.05
CA GLY A 503 -19.95 -6.29 -14.97
C GLY A 503 -18.51 -6.20 -14.49
N PHE A 504 -18.35 -6.08 -13.18
CA PHE A 504 -17.05 -5.87 -12.54
C PHE A 504 -15.98 -6.89 -12.96
N LEU A 505 -16.30 -8.16 -12.87
CA LEU A 505 -15.35 -9.24 -13.12
C LEU A 505 -14.83 -9.20 -14.54
N TRP A 506 -15.76 -9.10 -15.48
CA TRP A 506 -15.45 -8.97 -16.90
C TRP A 506 -14.59 -7.73 -17.17
N GLN A 507 -14.95 -6.61 -16.57
CA GLN A 507 -14.24 -5.34 -16.81
C GLN A 507 -12.82 -5.39 -16.27
N GLN A 508 -12.65 -5.82 -15.02
CA GLN A 508 -11.34 -5.88 -14.41
C GLN A 508 -10.42 -6.91 -15.09
N ILE A 509 -10.98 -8.04 -15.49
CA ILE A 509 -10.17 -9.08 -16.12
C ILE A 509 -9.67 -8.66 -17.50
N ASN A 510 -10.53 -7.99 -18.27
CA ASN A 510 -10.12 -7.45 -19.55
C ASN A 510 -9.14 -6.29 -19.42
N HIS A 511 -8.90 -5.85 -18.19
CA HIS A 511 -8.00 -4.74 -17.93
C HIS A 511 -6.56 -5.22 -17.63
N ILE A 512 -6.42 -6.53 -17.40
CA ILE A 512 -5.11 -7.12 -17.11
C ILE A 512 -4.11 -6.85 -18.23
N SER A 513 -2.93 -6.33 -17.88
CA SER A 513 -1.94 -6.00 -18.88
C SER A 513 -1.40 -7.22 -19.64
N PRO A 514 -1.00 -7.02 -20.90
CA PRO A 514 -0.30 -8.09 -21.63
C PRO A 514 1.11 -8.22 -21.05
N ASN A 515 1.86 -9.24 -21.44
CA ASN A 515 3.22 -9.31 -20.92
C ASN A 515 4.17 -8.40 -21.68
N ALA A 516 5.34 -8.16 -21.11
CA ALA A 516 6.27 -7.19 -21.65
C ALA A 516 6.67 -7.48 -23.09
N ARG A 517 6.83 -8.75 -23.41
CA ARG A 517 7.28 -9.15 -24.73
C ARG A 517 6.18 -8.95 -25.76
N GLN A 518 4.97 -9.39 -25.43
CA GLN A 518 3.85 -9.19 -26.33
C GLN A 518 3.55 -7.71 -26.55
N TYR A 519 3.64 -6.92 -25.49
CA TYR A 519 3.44 -5.46 -25.58
C TYR A 519 4.49 -4.81 -26.50
N CYS A 520 5.76 -5.20 -26.32
CA CYS A 520 6.85 -4.67 -27.12
C CYS A 520 6.61 -4.91 -28.61
N GLU A 521 6.19 -6.12 -28.97
CA GLU A 521 5.95 -6.43 -30.38
C GLU A 521 4.76 -5.65 -30.93
N GLN A 522 3.72 -5.50 -30.11
CA GLN A 522 2.55 -4.71 -30.52
C GLN A 522 2.92 -3.26 -30.81
N VAL A 523 3.66 -2.66 -29.89
CA VAL A 523 4.18 -1.32 -30.08
C VAL A 523 5.04 -1.20 -31.33
N LYS A 524 6.02 -2.09 -31.47
CA LYS A 524 6.92 -2.05 -32.60
C LYS A 524 6.20 -2.26 -33.93
N ALA A 525 5.20 -3.13 -33.95
CA ALA A 525 4.44 -3.33 -35.19
C ALA A 525 3.70 -2.06 -35.62
N ALA A 526 3.05 -1.38 -34.68
CA ALA A 526 2.33 -0.16 -35.02
C ALA A 526 3.29 0.91 -35.53
N LEU A 527 4.45 1.00 -34.89
CA LEU A 527 5.46 2.00 -35.22
C LEU A 527 6.03 1.76 -36.62
N ARG A 528 6.34 0.50 -36.94
CA ARG A 528 6.84 0.16 -38.27
C ARG A 528 5.87 0.62 -39.34
N GLU A 529 4.57 0.52 -39.04
CA GLU A 529 3.56 0.94 -40.00
C GLU A 529 3.69 2.43 -40.31
N HIS A 530 3.97 3.23 -39.30
CA HIS A 530 4.21 4.65 -39.51
C HIS A 530 5.51 4.89 -40.30
N LEU A 531 6.57 4.18 -39.94
CA LEU A 531 7.84 4.29 -40.67
C LEU A 531 7.65 4.01 -42.15
N GLU A 532 6.75 3.08 -42.48
CA GLU A 532 6.54 2.69 -43.87
C GLU A 532 5.57 3.59 -44.62
N HIS A 533 4.60 4.18 -43.93
CA HIS A 533 3.49 4.81 -44.63
C HIS A 533 3.19 6.26 -44.25
N ASN A 534 3.82 6.74 -43.17
CA ASN A 534 3.55 8.10 -42.71
C ASN A 534 4.47 9.08 -43.42
N GLN A 535 3.96 9.65 -44.51
CA GLN A 535 4.72 10.58 -45.33
C GLN A 535 4.91 11.95 -44.69
N VAL A 536 4.36 12.17 -43.51
CA VAL A 536 4.48 13.49 -42.87
C VAL A 536 5.72 13.56 -41.98
N LEU A 537 6.03 12.46 -41.31
CA LEU A 537 7.16 12.40 -40.39
C LEU A 537 8.48 12.84 -41.02
N SER A 538 9.25 13.65 -40.30
CA SER A 538 10.57 14.06 -40.77
C SER A 538 11.55 12.92 -40.51
N ASP A 539 12.73 13.00 -41.11
CA ASP A 539 13.79 12.04 -40.83
C ASP A 539 14.21 12.08 -39.35
N THR A 540 14.08 13.25 -38.74
CA THR A 540 14.38 13.41 -37.33
C THR A 540 13.39 12.65 -36.43
N GLN A 541 12.13 12.65 -36.83
CA GLN A 541 11.10 11.98 -36.04
C GLN A 541 11.18 10.47 -36.26
N LYS A 542 11.43 10.07 -37.50
CA LYS A 542 11.59 8.65 -37.78
C LYS A 542 12.76 8.06 -37.00
N GLU A 543 13.86 8.81 -36.95
CA GLU A 543 15.01 8.34 -36.17
C GLU A 543 14.65 8.21 -34.69
N GLU A 544 13.81 9.12 -34.19
CA GLU A 544 13.41 9.02 -32.79
C GLU A 544 12.62 7.76 -32.55
N ILE A 545 11.80 7.40 -33.53
CA ILE A 545 11.01 6.17 -33.46
C ILE A 545 11.89 4.91 -33.44
N ARG A 546 12.94 4.90 -34.26
CA ARG A 546 13.85 3.76 -34.30
C ARG A 546 14.64 3.61 -33.01
N LYS A 547 15.00 4.76 -32.42
CA LYS A 547 15.76 4.76 -31.18
C LYS A 547 14.89 4.30 -30.04
N ALA A 548 13.63 4.70 -30.06
CA ALA A 548 12.68 4.23 -29.06
C ALA A 548 12.54 2.71 -29.16
N MSE A 549 12.46 2.19 -30.38
CA MSE A 549 12.27 0.76 -30.60
C MSE A 549 13.49 -0.04 -30.11
O MSE A 549 13.32 -1.12 -29.55
CB MSE A 549 12.02 0.46 -32.08
CG MSE A 549 10.59 0.80 -32.54
SE MSE A 549 10.42 0.77 -34.49
CE MSE A 549 10.60 -1.16 -34.79
N ASP A 550 14.68 0.48 -30.31
CA ASP A 550 15.89 -0.19 -29.84
C ASP A 550 15.92 -0.23 -28.33
N ARG A 551 15.50 0.86 -27.69
CA ARG A 551 15.47 0.93 -26.24
C ARG A 551 14.48 -0.08 -25.66
N MSE A 552 13.37 -0.30 -26.36
CA MSE A 552 12.37 -1.27 -25.88
C MSE A 552 12.93 -2.70 -25.96
O MSE A 552 12.68 -3.52 -25.08
CB MSE A 552 11.06 -1.18 -26.67
CG MSE A 552 10.22 0.07 -26.39
SE MSE A 552 8.94 0.31 -27.85
CE MSE A 552 8.60 2.24 -27.69
N ASP A 553 13.70 -2.97 -27.02
CA ASP A 553 14.33 -4.27 -27.19
C ASP A 553 15.38 -4.53 -26.10
N ASN A 554 16.13 -3.48 -25.74
CA ASN A 554 17.10 -3.58 -24.67
C ASN A 554 16.41 -3.79 -23.32
N ILE A 555 15.29 -3.10 -23.12
CA ILE A 555 14.48 -3.27 -21.92
C ILE A 555 14.02 -4.73 -21.76
N VAL A 556 13.40 -5.30 -22.78
CA VAL A 556 12.93 -6.70 -22.72
C VAL A 556 14.07 -7.68 -22.43
N ASN A 557 15.27 -7.32 -22.85
CA ASN A 557 16.41 -8.22 -22.74
C ASN A 557 17.29 -8.02 -21.50
N ASP A 558 16.86 -7.10 -20.63
CA ASP A 558 17.63 -6.73 -19.46
C ASP A 558 17.49 -7.77 -18.36
N SER A 559 18.62 -8.30 -17.88
CA SER A 559 18.56 -9.33 -16.84
C SER A 559 18.37 -8.72 -15.45
N SER A 560 18.51 -7.42 -15.35
CA SER A 560 18.45 -6.75 -14.04
C SER A 560 17.05 -6.25 -13.73
N LYS A 561 16.11 -6.47 -14.64
CA LYS A 561 14.74 -5.97 -14.46
C LYS A 561 13.71 -7.09 -14.37
N ASP A 562 12.78 -6.99 -13.43
CA ASP A 562 11.69 -7.95 -13.39
C ASP A 562 10.74 -7.73 -14.56
N SER A 563 10.01 -8.78 -14.92
CA SER A 563 9.16 -8.79 -16.10
C SER A 563 7.99 -7.79 -16.08
N GLN A 564 7.53 -7.38 -14.90
CA GLN A 564 6.44 -6.42 -14.85
C GLN A 564 7.03 -5.01 -14.93
N GLN A 565 8.17 -4.82 -14.30
CA GLN A 565 8.91 -3.58 -14.49
C GLN A 565 9.24 -3.32 -15.96
N LYS A 566 9.52 -4.38 -16.72
CA LYS A 566 9.78 -4.20 -18.15
C LYS A 566 8.53 -3.70 -18.87
N TYR A 567 7.37 -4.14 -18.41
CA TYR A 567 6.13 -3.67 -19.01
C TYR A 567 6.01 -2.17 -18.78
N ARG A 568 6.19 -1.76 -17.53
CA ARG A 568 6.05 -0.36 -17.15
C ARG A 568 7.05 0.51 -17.89
N GLU A 569 8.24 -0.01 -18.17
CA GLU A 569 9.26 0.81 -18.83
C GLU A 569 9.05 0.98 -20.34
N ILE A 570 8.52 -0.04 -21.00
CA ILE A 570 8.15 0.10 -22.39
C ILE A 570 7.01 1.12 -22.50
N ARG A 571 6.12 1.15 -21.51
CA ARG A 571 5.03 2.12 -21.53
C ARG A 571 5.56 3.54 -21.38
N ARG A 572 6.51 3.72 -20.47
CA ARG A 572 7.20 5.00 -20.34
C ARG A 572 7.89 5.40 -21.64
N GLU A 573 8.43 4.43 -22.35
CA GLU A 573 9.10 4.74 -23.62
C GLU A 573 8.07 5.27 -24.63
N VAL A 574 6.90 4.66 -24.65
CA VAL A 574 5.83 5.03 -25.57
C VAL A 574 5.32 6.46 -25.32
N ILE A 575 5.15 6.79 -24.04
CA ILE A 575 4.75 8.12 -23.63
C ILE A 575 5.82 9.18 -23.98
N GLU A 576 7.08 8.85 -23.78
CA GLU A 576 8.18 9.76 -24.08
C GLU A 576 8.30 9.99 -25.57
N LEU A 577 8.09 8.93 -26.34
CA LEU A 577 8.10 9.06 -27.79
C LEU A 577 6.95 9.96 -28.25
N ASN A 578 5.78 9.81 -27.64
CA ASN A 578 4.63 10.66 -27.96
C ASN A 578 4.94 12.13 -27.71
N ALA A 579 5.62 12.41 -26.61
CA ALA A 579 6.03 13.75 -26.25
C ALA A 579 7.00 14.34 -27.27
N LYS A 580 7.91 13.52 -27.78
CA LYS A 580 9.05 14.03 -28.55
C LYS A 580 8.83 14.11 -30.06
N ALA A 581 8.06 13.19 -30.61
CA ALA A 581 8.09 12.97 -32.06
C ALA A 581 6.80 13.29 -32.81
N THR A 582 5.81 13.83 -32.13
CA THR A 582 4.52 14.04 -32.77
C THR A 582 4.21 15.52 -32.96
N THR A 583 5.12 16.35 -32.48
CA THR A 583 4.92 17.79 -32.52
C THR A 583 5.47 18.37 -33.83
N PRO A 584 4.70 19.27 -34.47
CA PRO A 584 5.15 19.86 -35.74
C PRO A 584 6.51 20.57 -35.58
N GLU A 585 7.46 20.31 -36.50
CA GLU A 585 8.79 20.88 -36.39
C GLU A 585 8.84 22.37 -36.75
N ASP A 586 7.96 22.79 -37.66
CA ASP A 586 7.84 24.20 -38.03
C ASP A 586 6.48 24.45 -38.67
N ASP A 587 6.23 25.70 -39.08
CA ASP A 587 4.98 26.07 -39.75
C ASP A 587 4.79 25.23 -41.02
N ASN A 588 5.90 24.95 -41.69
CA ASN A 588 5.86 24.14 -42.91
C ASN A 588 5.40 22.71 -42.67
N GLN A 589 5.95 22.04 -41.66
CA GLN A 589 5.50 20.68 -41.36
C GLN A 589 4.04 20.66 -40.92
N LEU A 590 3.61 21.69 -40.17
CA LEU A 590 2.23 21.75 -39.68
C LEU A 590 1.25 21.84 -40.85
N THR A 591 1.62 22.62 -41.85
CA THR A 591 0.84 22.78 -43.07
C THR A 591 0.81 21.48 -43.88
N ARG A 592 1.94 20.79 -43.91
CA ARG A 592 2.03 19.49 -44.56
C ARG A 592 1.13 18.47 -43.87
N SER A 593 1.13 18.50 -42.54
CA SER A 593 0.37 17.54 -41.74
C SER A 593 -1.11 17.77 -41.99
N HIS A 594 -1.53 19.03 -41.90
CA HIS A 594 -2.89 19.43 -42.22
C HIS A 594 -3.31 18.95 -43.61
N PHE A 595 -2.51 19.25 -44.63
CA PHE A 595 -2.92 18.96 -46.01
C PHE A 595 -2.91 17.48 -46.40
N GLN A 596 -2.09 16.69 -45.71
CA GLN A 596 -2.04 15.25 -45.96
C GLN A 596 -3.40 14.63 -45.58
N LYS A 597 -3.97 15.07 -44.46
CA LYS A 597 -5.29 14.62 -44.03
C LYS A 597 -6.41 15.08 -44.96
N ALA A 598 -6.29 16.29 -45.49
CA ALA A 598 -7.33 16.87 -46.32
C ALA A 598 -7.42 16.23 -47.70
N TYR A 599 -6.29 16.20 -48.41
CA TYR A 599 -6.23 15.65 -49.77
C TYR A 599 -6.80 14.24 -49.87
N PHE A 600 -6.46 13.40 -48.90
CA PHE A 600 -6.76 11.98 -49.00
C PHE A 600 -7.95 11.57 -48.16
N GLU A 601 -8.63 12.54 -47.59
CA GLU A 601 -9.84 12.29 -46.82
C GLU A 601 -10.93 11.71 -47.71
N GLY A 604 -9.49 8.07 -50.30
CA GLY A 604 -10.19 7.14 -49.43
C GLY A 604 -9.28 6.12 -48.76
N ASP A 605 -7.97 6.27 -48.95
CA ASP A 605 -7.00 5.31 -48.41
C ASP A 605 -6.52 5.72 -47.01
N THR A 606 -6.63 4.81 -46.06
CA THR A 606 -6.37 5.14 -44.65
C THR A 606 -4.90 5.18 -44.25
N GLN A 607 -4.00 5.01 -45.22
CA GLN A 607 -2.56 5.07 -44.95
C GLN A 607 -1.90 6.32 -45.55
N LYS A 608 -2.40 6.78 -46.69
CA LYS A 608 -1.93 8.02 -47.28
C LYS A 608 -2.44 9.20 -46.46
N THR A 609 -3.43 8.93 -45.61
CA THR A 609 -4.03 9.93 -44.73
C THR A 609 -3.14 10.18 -43.50
N LEU A 610 -2.30 9.21 -43.18
CA LEU A 610 -1.50 9.24 -41.95
C LEU A 610 -0.70 10.54 -41.79
N ASN A 611 -0.83 11.19 -40.63
CA ASN A 611 -0.06 12.42 -40.36
C ASN A 611 0.52 12.44 -38.95
N LEU A 612 0.85 13.62 -38.41
CA LEU A 612 1.38 13.68 -37.05
C LEU A 612 0.34 13.29 -36.01
N GLU A 613 -0.89 13.75 -36.18
CA GLU A 613 -1.94 13.45 -35.20
C GLU A 613 -2.22 11.95 -35.18
N SER A 614 -2.10 11.33 -36.34
CA SER A 614 -2.31 9.89 -36.46
C SER A 614 -1.29 9.11 -35.64
N LEU A 615 -0.05 9.58 -35.65
CA LEU A 615 1.00 8.94 -34.87
C LEU A 615 0.70 9.18 -33.40
N SER A 616 0.23 10.39 -33.10
CA SER A 616 -0.11 10.74 -31.74
C SER A 616 -1.24 9.86 -31.22
N GLN A 617 -2.24 9.62 -32.07
CA GLN A 617 -3.33 8.72 -31.72
C GLN A 617 -2.84 7.30 -31.44
N THR A 618 -1.97 6.79 -32.30
CA THR A 618 -1.42 5.43 -32.12
C THR A 618 -0.75 5.30 -30.77
N LEU A 619 0.11 6.25 -30.46
CA LEU A 619 0.87 6.22 -29.21
C LEU A 619 -0.06 6.36 -28.00
N ASN A 620 -1.10 7.19 -28.12
CA ASN A 620 -2.03 7.38 -27.01
C ASN A 620 -2.76 6.10 -26.65
N GLN A 621 -3.20 5.34 -27.65
CA GLN A 621 -3.88 4.09 -27.34
C GLN A 621 -2.93 3.01 -26.83
N LEU A 622 -1.67 3.12 -27.22
CA LEU A 622 -0.70 2.15 -26.74
C LEU A 622 -0.26 2.41 -25.30
N SER A 623 -0.55 3.60 -24.79
CA SER A 623 -0.07 3.94 -23.45
C SER A 623 -1.17 4.01 -22.41
N LYS A 624 -2.35 3.50 -22.72
CA LYS A 624 -3.41 3.60 -21.76
C LYS A 624 -3.17 2.67 -20.58
N ALA A 625 -3.67 3.08 -19.42
CA ALA A 625 -3.45 2.39 -18.16
C ALA A 625 -4.12 1.01 -18.15
N HIS A 626 -3.41 0.02 -17.66
CA HIS A 626 -3.99 -1.29 -17.42
C HIS A 626 -4.17 -1.53 -15.93
N TYR A 627 -4.68 -2.71 -15.59
CA TYR A 627 -4.87 -3.07 -14.19
C TYR A 627 -3.59 -2.84 -13.41
N GLY A 628 -3.68 -2.07 -12.34
CA GLY A 628 -2.53 -1.80 -11.50
C GLY A 628 -1.96 -0.42 -11.68
N GLU A 629 -2.31 0.24 -12.78
CA GLU A 629 -1.70 1.53 -13.10
C GLU A 629 -2.67 2.68 -13.38
N THR A 630 -2.11 3.87 -13.38
CA THR A 630 -2.90 5.08 -13.38
C THR A 630 -2.58 5.92 -14.61
N SER A 631 -3.30 7.00 -14.79
CA SER A 631 -3.02 7.95 -15.84
C SER A 631 -2.19 9.06 -15.24
N MSE A 632 -1.48 9.81 -16.07
CA MSE A 632 -0.71 10.93 -15.57
C MSE A 632 -1.59 12.10 -15.15
O MSE A 632 -1.19 12.91 -14.31
CB MSE A 632 0.36 11.37 -16.55
CG MSE A 632 1.65 10.56 -16.37
SE MSE A 632 2.99 11.24 -17.58
CE MSE A 632 2.04 10.73 -19.15
N THR A 633 -2.78 12.21 -15.72
CA THR A 633 -3.71 13.24 -15.28
C THR A 633 -4.19 12.97 -13.86
N ASP A 634 -4.08 11.72 -13.39
CA ASP A 634 -4.67 11.32 -12.11
C ASP A 634 -3.97 11.92 -10.91
N LYS A 635 -2.65 11.91 -10.94
CA LYS A 635 -1.86 12.55 -9.91
C LYS A 635 -2.21 14.05 -9.83
N ILE A 636 -2.45 14.67 -10.98
CA ILE A 636 -2.71 16.10 -11.00
C ILE A 636 -4.09 16.42 -10.46
N THR A 637 -5.10 15.66 -10.89
CA THR A 637 -6.47 15.91 -10.46
C THR A 637 -6.67 15.57 -8.99
N GLN A 638 -5.92 14.58 -8.51
CA GLN A 638 -5.97 14.26 -7.08
C GLN A 638 -5.49 15.48 -6.30
N ARG A 639 -4.44 16.14 -6.76
CA ARG A 639 -3.97 17.35 -6.09
C ARG A 639 -5.02 18.45 -6.07
N LEU A 640 -5.73 18.60 -7.19
CA LEU A 640 -6.75 19.64 -7.31
C LEU A 640 -7.96 19.31 -6.43
N ASP A 641 -8.26 18.03 -6.28
CA ASP A 641 -9.35 17.62 -5.38
C ASP A 641 -8.99 17.91 -3.93
N GLY A 642 -7.75 17.64 -3.55
CA GLY A 642 -7.27 17.96 -2.22
C GLY A 642 -7.52 19.43 -1.93
N TYR A 643 -7.11 20.27 -2.88
CA TYR A 643 -7.21 21.73 -2.80
C TYR A 643 -8.66 22.16 -2.63
N LYS A 644 -9.53 21.65 -3.49
CA LYS A 644 -10.95 21.95 -3.39
C LYS A 644 -11.57 21.42 -2.10
N ASN A 645 -11.31 20.15 -1.78
CA ASN A 645 -11.89 19.53 -0.57
C ASN A 645 -11.55 20.29 0.69
N ARG A 646 -10.30 20.74 0.79
CA ARG A 646 -9.87 21.42 1.99
C ARG A 646 -10.52 22.79 2.14
N ASN A 647 -10.56 23.55 1.04
CA ASN A 647 -11.21 24.85 1.05
C ASN A 647 -12.68 24.67 1.43
N TRP A 648 -13.31 23.63 0.90
CA TRP A 648 -14.70 23.36 1.26
C TRP A 648 -14.83 23.04 2.76
N PHE A 649 -13.93 22.21 3.27
CA PHE A 649 -14.05 21.77 4.66
C PHE A 649 -13.85 22.90 5.65
N TRP A 650 -12.77 23.66 5.49
CA TRP A 650 -12.48 24.76 6.41
C TRP A 650 -13.63 25.77 6.43
N ASN A 651 -14.18 26.04 5.26
CA ASN A 651 -15.33 26.92 5.14
C ASN A 651 -16.54 26.39 5.90
N SER A 652 -16.79 25.08 5.79
CA SER A 652 -17.93 24.48 6.47
C SER A 652 -17.82 24.54 8.00
N VAL A 653 -16.61 24.59 8.54
CA VAL A 653 -16.44 24.57 9.99
C VAL A 653 -15.89 25.88 10.55
N LYS A 654 -15.70 26.84 9.65
CA LYS A 654 -15.15 28.15 10.01
C LYS A 654 -15.89 28.82 11.18
N GLU A 655 -17.22 28.81 11.13
CA GLU A 655 -18.00 29.45 12.19
C GLU A 655 -17.73 28.79 13.55
N VAL A 656 -17.63 27.47 13.56
CA VAL A 656 -17.32 26.75 14.79
C VAL A 656 -15.91 27.05 15.32
N LEU A 657 -14.91 27.05 14.43
CA LEU A 657 -13.54 27.40 14.82
C LEU A 657 -13.45 28.81 15.39
N ASN A 658 -14.11 29.75 14.73
CA ASN A 658 -14.16 31.14 15.20
C ASN A 658 -14.82 31.29 16.57
N PHE A 659 -15.82 30.46 16.83
CA PHE A 659 -16.53 30.48 18.10
C PHE A 659 -15.57 30.15 19.24
N PHE A 660 -14.57 29.31 18.96
CA PHE A 660 -13.62 28.86 19.96
C PHE A 660 -12.26 29.55 19.88
N ASN A 661 -12.18 30.63 19.10
CA ASN A 661 -10.94 31.39 18.89
C ASN A 661 -9.80 30.55 18.31
N ILE A 662 -10.16 29.51 17.58
CA ILE A 662 -9.16 28.69 16.94
C ILE A 662 -8.85 29.29 15.59
N PRO A 663 -7.56 29.57 15.33
CA PRO A 663 -7.11 30.19 14.08
C PRO A 663 -7.57 29.41 12.87
N LEU A 664 -8.12 30.09 11.88
CA LEU A 664 -8.54 29.45 10.63
C LEU A 664 -7.35 29.11 9.77
N PRO A 665 -7.36 27.93 9.16
CA PRO A 665 -6.41 27.64 8.08
C PRO A 665 -6.62 28.64 6.94
N LYS A 666 -5.59 28.83 6.13
CA LYS A 666 -5.68 29.75 4.98
C LYS A 666 -6.75 29.30 3.98
N LEU A 667 -7.59 30.24 3.54
CA LEU A 667 -8.56 29.95 2.49
C LEU A 667 -8.10 30.52 1.15
N HIS A 668 -8.91 30.37 0.11
CA HIS A 668 -8.59 30.92 -1.19
C HIS A 668 -9.84 31.44 -1.91
N SER A 669 -9.64 32.39 -2.83
CA SER A 669 -10.75 33.10 -3.44
C SER A 669 -11.52 32.22 -4.42
N GLU A 670 -12.76 32.62 -4.73
CA GLU A 670 -13.60 31.91 -5.68
C GLU A 670 -13.00 31.98 -7.09
N VAL A 671 -12.18 33.00 -7.34
CA VAL A 671 -11.42 33.09 -8.57
C VAL A 671 -10.51 31.88 -8.67
N LYS A 672 -9.63 31.74 -7.69
CA LYS A 672 -8.66 30.66 -7.71
C LYS A 672 -9.32 29.29 -7.68
N GLU A 673 -10.51 29.22 -7.08
CA GLU A 673 -11.26 27.96 -7.03
C GLU A 673 -11.84 27.63 -8.39
N GLN A 674 -12.23 28.68 -9.12
CA GLN A 674 -12.77 28.53 -10.47
C GLN A 674 -11.69 28.11 -11.48
N ILE A 675 -10.51 28.72 -11.41
CA ILE A 675 -9.40 28.32 -12.27
C ILE A 675 -9.08 26.85 -12.04
N ALA A 676 -8.88 26.49 -10.78
CA ALA A 676 -8.64 25.12 -10.36
C ALA A 676 -9.71 24.18 -10.91
N ASP A 677 -10.96 24.61 -10.86
CA ASP A 677 -12.07 23.75 -11.27
C ASP A 677 -12.08 23.49 -12.78
N LYS A 678 -11.89 24.55 -13.57
CA LYS A 678 -11.81 24.42 -15.03
C LYS A 678 -10.70 23.46 -15.47
N LEU A 679 -9.48 23.69 -14.96
CA LEU A 679 -8.32 22.87 -15.29
C LEU A 679 -8.59 21.40 -14.99
N LYS A 680 -9.23 21.13 -13.85
CA LYS A 680 -9.58 19.77 -13.50
C LYS A 680 -10.50 19.16 -14.54
N GLU A 681 -11.53 19.90 -14.94
CA GLU A 681 -12.46 19.38 -15.92
C GLU A 681 -11.77 19.14 -17.27
N ARG A 682 -10.81 19.99 -17.61
CA ARG A 682 -10.05 19.82 -18.85
C ARG A 682 -9.14 18.61 -18.81
N LEU A 683 -8.55 18.33 -17.66
CA LEU A 683 -7.71 17.13 -17.48
C LEU A 683 -8.55 15.86 -17.48
N VAL A 684 -9.66 15.89 -16.75
CA VAL A 684 -10.65 14.82 -16.82
C VAL A 684 -11.05 14.61 -18.28
N ASP A 685 -11.24 15.69 -19.01
CA ASP A 685 -11.55 15.61 -20.44
C ASP A 685 -10.53 14.82 -21.25
N LEU A 686 -9.24 15.12 -21.07
CA LEU A 686 -8.19 14.41 -21.79
C LEU A 686 -8.27 12.91 -21.53
N LYS A 687 -8.52 12.55 -20.28
CA LYS A 687 -8.61 11.16 -19.86
C LYS A 687 -9.77 10.43 -20.55
N GLU A 688 -10.91 11.08 -20.67
CA GLU A 688 -12.05 10.52 -21.38
C GLU A 688 -11.76 10.32 -22.87
N LYS A 689 -10.90 11.17 -23.43
CA LYS A 689 -10.56 11.14 -24.85
C LYS A 689 -9.47 10.12 -25.16
N GLY A 690 -8.96 9.46 -24.13
CA GLY A 690 -7.87 8.51 -24.30
C GLY A 690 -6.52 9.19 -24.27
N MSE A 691 -6.49 10.41 -23.75
CA MSE A 691 -5.30 11.26 -23.81
C MSE A 691 -4.73 11.55 -22.42
O MSE A 691 -4.03 12.54 -22.23
CB MSE A 691 -5.64 12.58 -24.51
CG MSE A 691 -5.17 12.65 -25.96
SE MSE A 691 -5.89 14.15 -26.99
CE MSE A 691 -7.41 13.22 -27.76
N GLY A 692 -5.02 10.68 -21.46
CA GLY A 692 -4.62 10.92 -20.09
C GLY A 692 -3.14 10.72 -19.83
N ASN A 693 -2.41 10.34 -20.88
CA ASN A 693 -0.98 10.15 -20.77
C ASN A 693 -0.29 10.85 -21.90
N ASP A 694 -0.97 11.85 -22.43
CA ASP A 694 -0.44 12.67 -23.51
C ASP A 694 0.25 13.88 -22.89
N VAL A 695 1.57 13.77 -22.72
CA VAL A 695 2.36 14.81 -22.05
C VAL A 695 2.21 16.19 -22.70
N ASN A 696 2.20 16.25 -24.02
CA ASN A 696 2.05 17.52 -24.72
C ASN A 696 0.71 18.21 -24.40
N ALA A 697 -0.37 17.42 -24.36
CA ALA A 697 -1.71 17.96 -24.14
C ALA A 697 -1.89 18.43 -22.71
N ILE A 698 -1.38 17.64 -21.77
CA ILE A 698 -1.51 17.98 -20.36
C ILE A 698 -0.78 19.27 -20.05
N THR A 699 0.39 19.44 -20.65
CA THR A 699 1.15 20.67 -20.44
C THR A 699 0.47 21.87 -21.11
N ARG A 700 -0.24 21.65 -22.20
CA ARG A 700 -1.07 22.73 -22.76
C ARG A 700 -2.11 23.16 -21.74
N GLU A 701 -2.76 22.18 -21.09
CA GLU A 701 -3.82 22.50 -20.14
C GLU A 701 -3.30 23.18 -18.90
N LEU A 702 -2.13 22.73 -18.44
CA LEU A 702 -1.48 23.35 -17.30
C LEU A 702 -1.04 24.77 -17.65
N GLY A 703 -0.84 25.00 -18.95
CA GLY A 703 -0.46 26.32 -19.42
C GLY A 703 -1.62 27.30 -19.41
N LYS A 704 -2.78 26.84 -19.86
CA LYS A 704 -3.99 27.66 -19.83
C LYS A 704 -4.29 28.10 -18.39
N ALA A 705 -4.01 27.22 -17.43
CA ALA A 705 -4.21 27.52 -16.01
C ALA A 705 -3.16 28.50 -15.48
N ARG A 706 -1.90 28.28 -15.84
CA ARG A 706 -0.80 29.16 -15.45
C ARG A 706 -1.00 30.59 -15.98
N GLU A 707 -1.74 30.72 -17.08
CA GLU A 707 -2.00 32.04 -17.66
C GLU A 707 -3.17 32.78 -17.00
N ASP A 708 -4.19 32.02 -16.59
CA ASP A 708 -5.32 32.61 -15.88
C ASP A 708 -4.84 33.24 -14.59
N LEU A 709 -3.94 32.55 -13.90
CA LEU A 709 -3.33 33.06 -12.68
C LEU A 709 -2.49 34.31 -12.91
N ILE A 710 -1.70 34.31 -13.97
CA ILE A 710 -0.85 35.44 -14.30
C ILE A 710 -1.68 36.69 -14.64
N GLU A 711 -2.81 36.48 -15.31
CA GLU A 711 -3.72 37.56 -15.62
C GLU A 711 -4.30 38.21 -14.38
N HIS A 712 -4.73 37.37 -13.44
CA HIS A 712 -5.42 37.85 -12.25
C HIS A 712 -4.51 37.95 -11.04
N TYR A 713 -3.21 38.00 -11.30
CA TYR A 713 -2.23 38.37 -10.29
C TYR A 713 -1.66 39.72 -10.67
N LYS A 714 -1.81 40.08 -11.94
CA LYS A 714 -1.40 41.39 -12.44
C LYS A 714 -2.49 42.43 -12.19
N LYS A 715 -3.66 41.94 -11.81
CA LYS A 715 -4.76 42.82 -11.39
C LYS A 715 -4.59 43.17 -9.91
N THR A 716 -3.98 42.26 -9.14
CA THR A 716 -3.63 42.55 -7.76
C THR A 716 -2.24 43.17 -7.65
N GLY A 722 -0.41 31.35 -4.10
CA GLY A 722 -1.06 30.38 -3.25
C GLY A 722 -0.67 28.94 -3.58
N GLU A 723 -1.33 27.99 -2.93
CA GLU A 723 -1.05 26.57 -3.12
C GLU A 723 -1.28 26.12 -4.55
N LEU A 724 -2.31 26.66 -5.19
CA LEU A 724 -2.65 26.31 -6.56
C LEU A 724 -1.49 26.56 -7.54
N ASP A 725 -0.74 27.62 -7.30
CA ASP A 725 0.38 27.95 -8.17
C ASP A 725 1.46 26.90 -8.00
N LYS A 726 1.56 26.36 -6.78
CA LYS A 726 2.54 25.32 -6.48
C LYS A 726 2.17 24.01 -7.15
N ILE A 727 0.88 23.66 -7.08
CA ILE A 727 0.36 22.45 -7.70
C ILE A 727 0.70 22.43 -9.21
N ILE A 728 0.46 23.55 -9.87
CA ILE A 728 0.69 23.64 -11.30
C ILE A 728 2.18 23.59 -11.61
N ASN A 729 2.96 24.40 -10.90
CA ASN A 729 4.39 24.45 -11.15
C ASN A 729 5.01 23.09 -10.94
N LYS A 730 4.53 22.36 -9.92
CA LYS A 730 5.06 21.05 -9.60
C LYS A 730 4.66 20.02 -10.64
N SER A 731 3.38 20.02 -11.00
CA SER A 731 2.87 19.09 -12.00
C SER A 731 3.54 19.34 -13.34
N MSE A 732 3.91 20.59 -13.60
CA MSE A 732 4.59 20.95 -14.84
C MSE A 732 6.02 20.42 -14.87
O MSE A 732 6.44 19.81 -15.85
CB MSE A 732 4.56 22.46 -15.04
CG MSE A 732 4.03 22.90 -16.40
SE MSE A 732 3.32 24.72 -16.38
CE MSE A 732 2.41 24.69 -18.09
N GLU A 733 6.74 20.64 -13.77
CA GLU A 733 8.09 20.11 -13.60
C GLU A 733 8.16 18.62 -13.89
N GLU A 734 7.20 17.88 -13.32
CA GLU A 734 7.20 16.42 -13.43
C GLU A 734 7.03 15.94 -14.87
N LEU A 735 6.48 16.80 -15.71
CA LEU A 735 6.29 16.47 -17.13
C LEU A 735 7.52 16.83 -17.94
N LEU A 736 8.26 17.86 -17.52
CA LEU A 736 9.50 18.24 -18.19
C LEU A 736 10.53 17.14 -18.05
N VAL A 737 10.86 16.83 -16.80
CA VAL A 737 11.85 15.80 -16.47
C VAL A 737 11.47 14.41 -17.00
N ALA A 738 10.27 14.29 -17.54
CA ALA A 738 9.82 13.04 -18.15
C ALA A 738 10.11 12.98 -19.64
N ARG A 739 10.81 13.99 -20.17
CA ARG A 739 11.16 14.01 -21.59
C ARG A 739 12.43 14.81 -21.88
N LYS A 740 13.48 14.12 -22.34
CA LYS A 740 14.75 14.77 -22.66
C LYS A 740 15.42 14.13 -23.86
O1 PG4 B . 16.33 -15.29 36.50
C1 PG4 B . 15.44 -14.29 36.16
C2 PG4 B . 14.01 -14.65 35.99
O2 PG4 B . 13.61 -15.17 34.78
C3 PG4 B . 12.26 -15.22 34.43
C4 PG4 B . 11.94 -14.80 33.03
O3 PG4 B . 10.67 -15.00 32.53
C5 PG4 B . 10.01 -13.95 31.92
C6 PG4 B . 9.48 -12.87 32.80
O4 PG4 B . 9.07 -11.68 32.23
C7 PG4 B . 8.95 -10.54 33.00
C8 PG4 B . 10.22 -9.88 33.45
O5 PG4 B . 10.18 -9.03 34.54
O1 PG4 C . 0.71 23.54 1.01
C1 PG4 C . 1.44 22.91 0.01
C2 PG4 C . 0.70 22.02 -0.94
O2 PG4 C . 1.24 21.83 -2.19
C3 PG4 C . 0.69 20.94 -3.07
C4 PG4 C . 1.58 20.42 -4.15
O3 PG4 C . 2.88 20.15 -3.80
C5 PG4 C . 3.58 19.15 -4.45
C6 PG4 C . 4.82 18.63 -3.80
O4 PG4 C . 5.78 19.54 -3.42
O1 PG4 D . -12.21 -0.17 -7.01
C1 PG4 D . -12.24 -0.97 -8.13
C2 PG4 D . -11.08 -1.90 -8.35
O2 PG4 D . -11.04 -3.06 -7.61
C3 PG4 D . -9.82 -3.63 -7.29
C4 PG4 D . -8.89 -2.78 -6.51
O3 PG4 D . -7.60 -2.63 -6.99
C5 PG4 D . -7.00 -1.39 -6.98
C6 PG4 D . -5.75 -1.25 -7.78
O4 PG4 D . -5.77 -1.72 -9.08
C7 PG4 D . -6.63 -1.16 -10.01
C8 PG4 D . -6.07 -0.18 -10.98
O5 PG4 D . -6.47 -0.26 -12.30
P PO4 E . -14.53 -12.67 7.36
O1 PO4 E . -13.69 -11.50 6.89
O2 PO4 E . -14.54 -12.66 8.87
O3 PO4 E . -15.92 -12.51 6.80
O4 PO4 E . -13.93 -13.95 6.83
P PO4 F . -3.92 -6.96 28.94
O1 PO4 F . -3.18 -6.22 27.86
O2 PO4 F . -5.10 -6.11 29.37
O3 PO4 F . -4.44 -8.29 28.45
O4 PO4 F . -2.99 -7.16 30.12
#